data_3KW6
# 
_entry.id   3KW6 
# 
_audit_conform.dict_name       mmcif_pdbx.dic 
_audit_conform.dict_version    5.397 
_audit_conform.dict_location   http://mmcif.pdb.org/dictionaries/ascii/mmcif_pdbx.dic 
# 
loop_
_database_2.database_id 
_database_2.database_code 
_database_2.pdbx_database_accession 
_database_2.pdbx_DOI 
PDB   3KW6         pdb_00003kw6 10.2210/pdb3kw6/pdb 
RCSB  RCSB056522   ?            ?                   
WWPDB D_1000056522 ?            ?                   
# 
loop_
_pdbx_audit_revision_history.ordinal 
_pdbx_audit_revision_history.data_content_type 
_pdbx_audit_revision_history.major_revision 
_pdbx_audit_revision_history.minor_revision 
_pdbx_audit_revision_history.revision_date 
1 'Structure model' 1 0 2009-12-22 
2 'Structure model' 1 1 2011-07-13 
3 'Structure model' 1 2 2018-01-24 
4 'Structure model' 1 3 2024-10-09 
# 
_pdbx_audit_revision_details.ordinal             1 
_pdbx_audit_revision_details.revision_ordinal    1 
_pdbx_audit_revision_details.data_content_type   'Structure model' 
_pdbx_audit_revision_details.provider            repository 
_pdbx_audit_revision_details.type                'Initial release' 
_pdbx_audit_revision_details.description         ? 
_pdbx_audit_revision_details.details             ? 
# 
loop_
_pdbx_audit_revision_group.ordinal 
_pdbx_audit_revision_group.revision_ordinal 
_pdbx_audit_revision_group.data_content_type 
_pdbx_audit_revision_group.group 
1 2 'Structure model' 'Version format compliance' 
2 3 'Structure model' 'Structure summary'         
3 4 'Structure model' 'Data collection'           
4 4 'Structure model' 'Database references'       
5 4 'Structure model' 'Derived calculations'      
6 4 'Structure model' 'Structure summary'         
# 
loop_
_pdbx_audit_revision_category.ordinal 
_pdbx_audit_revision_category.revision_ordinal 
_pdbx_audit_revision_category.data_content_type 
_pdbx_audit_revision_category.category 
1 3 'Structure model' audit_author              
2 4 'Structure model' chem_comp_atom            
3 4 'Structure model' chem_comp_bond            
4 4 'Structure model' database_2                
5 4 'Structure model' pdbx_entry_details        
6 4 'Structure model' pdbx_modification_feature 
7 4 'Structure model' struct_conn               
# 
loop_
_pdbx_audit_revision_item.ordinal 
_pdbx_audit_revision_item.revision_ordinal 
_pdbx_audit_revision_item.data_content_type 
_pdbx_audit_revision_item.item 
1 3 'Structure model' '_audit_author.name'                  
2 4 'Structure model' '_database_2.pdbx_DOI'                
3 4 'Structure model' '_database_2.pdbx_database_accession' 
4 4 'Structure model' '_struct_conn.pdbx_leaving_atom_flag' 
# 
_pdbx_database_status.status_code                     REL 
_pdbx_database_status.entry_id                        3KW6 
_pdbx_database_status.recvd_initial_deposition_date   2009-11-30 
_pdbx_database_status.deposit_site                    RCSB 
_pdbx_database_status.process_site                    RCSB 
_pdbx_database_status.status_code_sf                  REL 
_pdbx_database_status.status_code_mr                  ? 
_pdbx_database_status.SG_entry                        Y 
_pdbx_database_status.pdb_format_compatible           Y 
_pdbx_database_status.status_code_cs                  ? 
_pdbx_database_status.methods_development_category    ? 
_pdbx_database_status.status_code_nmr_data            ? 
# 
_pdbx_database_related.db_name        TargetDB 
_pdbx_database_related.db_id          HR3102A 
_pdbx_database_related.details        . 
_pdbx_database_related.content_type   unspecified 
# 
loop_
_audit_author.name 
_audit_author.pdbx_ordinal 
'Seetharaman, J.'                                 1  
'Su, M.'                                          2  
'Wang, D.'                                        3  
'Janjua, H.'                                      4  
'Cunningham, K.'                                  5  
'Owens, L.'                                       6  
'Xiao, R.'                                        7  
'Liu, J.'                                         8  
'Baran, M.C.'                                     9  
'Acton, T.B.'                                     10 
'Montelione, G.T.'                                11 
'Hunt, J.F.'                                      12 
'Tong, L.'                                        13 
'Northeast Structural Genomics Consortium (NESG)' 14 
# 
_citation.id                        primary 
_citation.title                     
;Crystal Structure of a domain of 26S proteasome regulatory subunit 8 from homo sapiens. Northeast Structural Genomics Consortium target id HR3102A
;
_citation.journal_abbrev            'To be Published' 
_citation.journal_volume            ? 
_citation.page_first                ? 
_citation.page_last                 ? 
_citation.year                      ? 
_citation.journal_id_ASTM           ? 
_citation.country                   ? 
_citation.journal_id_ISSN           ? 
_citation.journal_id_CSD            0353 
_citation.book_publisher            ? 
_citation.pdbx_database_id_PubMed   ? 
_citation.pdbx_database_id_DOI      ? 
# 
loop_
_citation_author.citation_id 
_citation_author.name 
_citation_author.ordinal 
_citation_author.identifier_ORCID 
primary 'Seetharaman, J.'  1  ? 
primary 'Su, M.'           2  ? 
primary 'Wang, D.'         3  ? 
primary 'Janjua, H.'       4  ? 
primary 'Cunningham, K.'   5  ? 
primary 'Owens, L.'        6  ? 
primary 'Xiao, R.'         7  ? 
primary 'Liu, J.'          8  ? 
primary 'C Baran, M.'      9  ? 
primary 'Acton, T.B.'      10 ? 
primary 'Montelione, G.T.' 11 ? 
primary 'Hunt, J.F.'       12 ? 
primary 'Tong, L.'         13 ? 
# 
loop_
_entity.id 
_entity.type 
_entity.src_method 
_entity.pdbx_description 
_entity.formula_weight 
_entity.pdbx_number_of_molecules 
_entity.pdbx_ec 
_entity.pdbx_mutation 
_entity.pdbx_fragment 
_entity.details 
1 polymer man '26S protease regulatory subunit 8' 8983.675 1  ? ? 'sequence database residues 318-395' ? 
2 water   nat water                               18.015   30 ? ? ?                                    ? 
# 
_entity_name_com.entity_id   1 
_entity_name_com.name        
'Proteasome 26S subunit ATPase 5, Proteasome subunit p45, p45/SUG, Thyroid hormone receptor-interacting protein 1, TRIP1' 
# 
_entity_poly.entity_id                      1 
_entity_poly.type                           'polypeptide(L)' 
_entity_poly.nstd_linkage                   no 
_entity_poly.nstd_monomer                   yes 
_entity_poly.pdbx_seq_one_letter_code       
;PPPNEEARLDILKIHSRK(MSE)NLTRGINLRKIAEL(MSE)PGASGAEVKGVCTEAG(MSE)YALRERRVHVTQEDFE
(MSE)AVAKV(MSE)QKDS
;
_entity_poly.pdbx_seq_one_letter_code_can   PPPNEEARLDILKIHSRKMNLTRGINLRKIAELMPGASGAEVKGVCTEAGMYALRERRVHVTQEDFEMAVAKVMQKDS 
_entity_poly.pdbx_strand_id                 A 
_entity_poly.pdbx_target_identifier         HR3102A 
# 
_pdbx_entity_nonpoly.entity_id   2 
_pdbx_entity_nonpoly.name        water 
_pdbx_entity_nonpoly.comp_id     HOH 
# 
loop_
_entity_poly_seq.entity_id 
_entity_poly_seq.num 
_entity_poly_seq.mon_id 
_entity_poly_seq.hetero 
1 1  PRO n 
1 2  PRO n 
1 3  PRO n 
1 4  ASN n 
1 5  GLU n 
1 6  GLU n 
1 7  ALA n 
1 8  ARG n 
1 9  LEU n 
1 10 ASP n 
1 11 ILE n 
1 12 LEU n 
1 13 LYS n 
1 14 ILE n 
1 15 HIS n 
1 16 SER n 
1 17 ARG n 
1 18 LYS n 
1 19 MSE n 
1 20 ASN n 
1 21 LEU n 
1 22 THR n 
1 23 ARG n 
1 24 GLY n 
1 25 ILE n 
1 26 ASN n 
1 27 LEU n 
1 28 ARG n 
1 29 LYS n 
1 30 ILE n 
1 31 ALA n 
1 32 GLU n 
1 33 LEU n 
1 34 MSE n 
1 35 PRO n 
1 36 GLY n 
1 37 ALA n 
1 38 SER n 
1 39 GLY n 
1 40 ALA n 
1 41 GLU n 
1 42 VAL n 
1 43 LYS n 
1 44 GLY n 
1 45 VAL n 
1 46 CYS n 
1 47 THR n 
1 48 GLU n 
1 49 ALA n 
1 50 GLY n 
1 51 MSE n 
1 52 TYR n 
1 53 ALA n 
1 54 LEU n 
1 55 ARG n 
1 56 GLU n 
1 57 ARG n 
1 58 ARG n 
1 59 VAL n 
1 60 HIS n 
1 61 VAL n 
1 62 THR n 
1 63 GLN n 
1 64 GLU n 
1 65 ASP n 
1 66 PHE n 
1 67 GLU n 
1 68 MSE n 
1 69 ALA n 
1 70 VAL n 
1 71 ALA n 
1 72 LYS n 
1 73 VAL n 
1 74 MSE n 
1 75 GLN n 
1 76 LYS n 
1 77 ASP n 
1 78 SER n 
# 
_entity_src_gen.entity_id                          1 
_entity_src_gen.pdbx_src_id                        1 
_entity_src_gen.pdbx_alt_source_flag               sample 
_entity_src_gen.pdbx_seq_type                      ? 
_entity_src_gen.pdbx_beg_seq_num                   ? 
_entity_src_gen.pdbx_end_seq_num                   ? 
_entity_src_gen.gene_src_common_name               human 
_entity_src_gen.gene_src_genus                     ? 
_entity_src_gen.pdbx_gene_src_gene                 'PSMC5, SUG1' 
_entity_src_gen.gene_src_species                   ? 
_entity_src_gen.gene_src_strain                    ? 
_entity_src_gen.gene_src_tissue                    ? 
_entity_src_gen.gene_src_tissue_fraction           ? 
_entity_src_gen.gene_src_details                   ? 
_entity_src_gen.pdbx_gene_src_fragment             ? 
_entity_src_gen.pdbx_gene_src_scientific_name      'Homo sapiens' 
_entity_src_gen.pdbx_gene_src_ncbi_taxonomy_id     9606 
_entity_src_gen.pdbx_gene_src_variant              ? 
_entity_src_gen.pdbx_gene_src_cell_line            ? 
_entity_src_gen.pdbx_gene_src_atcc                 ? 
_entity_src_gen.pdbx_gene_src_organ                ? 
_entity_src_gen.pdbx_gene_src_organelle            ? 
_entity_src_gen.pdbx_gene_src_cell                 ? 
_entity_src_gen.pdbx_gene_src_cellular_location    ? 
_entity_src_gen.host_org_common_name               ? 
_entity_src_gen.pdbx_host_org_scientific_name      'Escherichia coli' 
_entity_src_gen.pdbx_host_org_ncbi_taxonomy_id     562 
_entity_src_gen.host_org_genus                     ? 
_entity_src_gen.pdbx_host_org_gene                 ? 
_entity_src_gen.pdbx_host_org_organ                ? 
_entity_src_gen.host_org_species                   ? 
_entity_src_gen.pdbx_host_org_tissue               ? 
_entity_src_gen.pdbx_host_org_tissue_fraction      ? 
_entity_src_gen.pdbx_host_org_strain               ? 
_entity_src_gen.pdbx_host_org_variant              ? 
_entity_src_gen.pdbx_host_org_cell_line            ? 
_entity_src_gen.pdbx_host_org_atcc                 ? 
_entity_src_gen.pdbx_host_org_culture_collection   ? 
_entity_src_gen.pdbx_host_org_cell                 ? 
_entity_src_gen.pdbx_host_org_organelle            ? 
_entity_src_gen.pdbx_host_org_cellular_location    ? 
_entity_src_gen.pdbx_host_org_vector_type          ? 
_entity_src_gen.pdbx_host_org_vector               ? 
_entity_src_gen.host_org_details                   ? 
_entity_src_gen.expression_system_id               ? 
_entity_src_gen.plasmid_name                       ? 
_entity_src_gen.plasmid_details                    ? 
_entity_src_gen.pdbx_description                   ? 
# 
loop_
_chem_comp.id 
_chem_comp.type 
_chem_comp.mon_nstd_flag 
_chem_comp.name 
_chem_comp.pdbx_synonyms 
_chem_comp.formula 
_chem_comp.formula_weight 
ALA 'L-peptide linking' y ALANINE          ? 'C3 H7 N O2'     89.093  
ARG 'L-peptide linking' y ARGININE         ? 'C6 H15 N4 O2 1' 175.209 
ASN 'L-peptide linking' y ASPARAGINE       ? 'C4 H8 N2 O3'    132.118 
ASP 'L-peptide linking' y 'ASPARTIC ACID'  ? 'C4 H7 N O4'     133.103 
CYS 'L-peptide linking' y CYSTEINE         ? 'C3 H7 N O2 S'   121.158 
GLN 'L-peptide linking' y GLUTAMINE        ? 'C5 H10 N2 O3'   146.144 
GLU 'L-peptide linking' y 'GLUTAMIC ACID'  ? 'C5 H9 N O4'     147.129 
GLY 'peptide linking'   y GLYCINE          ? 'C2 H5 N O2'     75.067  
HIS 'L-peptide linking' y HISTIDINE        ? 'C6 H10 N3 O2 1' 156.162 
HOH non-polymer         . WATER            ? 'H2 O'           18.015  
ILE 'L-peptide linking' y ISOLEUCINE       ? 'C6 H13 N O2'    131.173 
LEU 'L-peptide linking' y LEUCINE          ? 'C6 H13 N O2'    131.173 
LYS 'L-peptide linking' y LYSINE           ? 'C6 H15 N2 O2 1' 147.195 
MSE 'L-peptide linking' n SELENOMETHIONINE ? 'C5 H11 N O2 Se' 196.106 
PHE 'L-peptide linking' y PHENYLALANINE    ? 'C9 H11 N O2'    165.189 
PRO 'L-peptide linking' y PROLINE          ? 'C5 H9 N O2'     115.130 
SER 'L-peptide linking' y SERINE           ? 'C3 H7 N O3'     105.093 
THR 'L-peptide linking' y THREONINE        ? 'C4 H9 N O3'     119.119 
TYR 'L-peptide linking' y TYROSINE         ? 'C9 H11 N O3'    181.189 
VAL 'L-peptide linking' y VALINE           ? 'C5 H11 N O2'    117.146 
# 
loop_
_pdbx_poly_seq_scheme.asym_id 
_pdbx_poly_seq_scheme.entity_id 
_pdbx_poly_seq_scheme.seq_id 
_pdbx_poly_seq_scheme.mon_id 
_pdbx_poly_seq_scheme.ndb_seq_num 
_pdbx_poly_seq_scheme.pdb_seq_num 
_pdbx_poly_seq_scheme.auth_seq_num 
_pdbx_poly_seq_scheme.pdb_mon_id 
_pdbx_poly_seq_scheme.auth_mon_id 
_pdbx_poly_seq_scheme.pdb_strand_id 
_pdbx_poly_seq_scheme.pdb_ins_code 
_pdbx_poly_seq_scheme.hetero 
A 1 1  PRO 1  -1 -1 PRO PRO A . n 
A 1 2  PRO 2  0  0  PRO PRO A . n 
A 1 3  PRO 3  1  1  PRO PRO A . n 
A 1 4  ASN 4  2  2  ASN ASN A . n 
A 1 5  GLU 5  3  3  GLU GLU A . n 
A 1 6  GLU 6  4  4  GLU GLU A . n 
A 1 7  ALA 7  5  5  ALA ALA A . n 
A 1 8  ARG 8  6  6  ARG ARG A . n 
A 1 9  LEU 9  7  7  LEU LEU A . n 
A 1 10 ASP 10 8  8  ASP ASP A . n 
A 1 11 ILE 11 9  9  ILE ILE A . n 
A 1 12 LEU 12 10 10 LEU LEU A . n 
A 1 13 LYS 13 11 11 LYS LYS A . n 
A 1 14 ILE 14 12 12 ILE ILE A . n 
A 1 15 HIS 15 13 13 HIS HIS A . n 
A 1 16 SER 16 14 14 SER SER A . n 
A 1 17 ARG 17 15 15 ARG ARG A . n 
A 1 18 LYS 18 16 16 LYS LYS A . n 
A 1 19 MSE 19 17 17 MSE MSE A . n 
A 1 20 ASN 20 18 18 ASN ASN A . n 
A 1 21 LEU 21 19 19 LEU LEU A . n 
A 1 22 THR 22 20 20 THR THR A . n 
A 1 23 ARG 23 21 21 ARG ARG A . n 
A 1 24 GLY 24 22 22 GLY GLY A . n 
A 1 25 ILE 25 23 23 ILE ILE A . n 
A 1 26 ASN 26 24 24 ASN ASN A . n 
A 1 27 LEU 27 25 25 LEU LEU A . n 
A 1 28 ARG 28 26 26 ARG ARG A . n 
A 1 29 LYS 29 27 27 LYS LYS A . n 
A 1 30 ILE 30 28 28 ILE ILE A . n 
A 1 31 ALA 31 29 29 ALA ALA A . n 
A 1 32 GLU 32 30 30 GLU GLU A . n 
A 1 33 LEU 33 31 31 LEU LEU A . n 
A 1 34 MSE 34 32 32 MSE MSE A . n 
A 1 35 PRO 35 33 33 PRO PRO A . n 
A 1 36 GLY 36 34 34 GLY GLY A . n 
A 1 37 ALA 37 35 35 ALA ALA A . n 
A 1 38 SER 38 36 36 SER SER A . n 
A 1 39 GLY 39 37 37 GLY GLY A . n 
A 1 40 ALA 40 38 38 ALA ALA A . n 
A 1 41 GLU 41 39 39 GLU GLU A . n 
A 1 42 VAL 42 40 40 VAL VAL A . n 
A 1 43 LYS 43 41 41 LYS LYS A . n 
A 1 44 GLY 44 42 42 GLY GLY A . n 
A 1 45 VAL 45 43 43 VAL VAL A . n 
A 1 46 CYS 46 44 44 CYS CYS A . n 
A 1 47 THR 47 45 45 THR THR A . n 
A 1 48 GLU 48 46 46 GLU GLU A . n 
A 1 49 ALA 49 47 47 ALA ALA A . n 
A 1 50 GLY 50 48 48 GLY GLY A . n 
A 1 51 MSE 51 49 49 MSE MSE A . n 
A 1 52 TYR 52 50 50 TYR TYR A . n 
A 1 53 ALA 53 51 51 ALA ALA A . n 
A 1 54 LEU 54 52 52 LEU LEU A . n 
A 1 55 ARG 55 53 53 ARG ARG A . n 
A 1 56 GLU 56 54 54 GLU GLU A . n 
A 1 57 ARG 57 55 55 ARG ARG A . n 
A 1 58 ARG 58 56 56 ARG ARG A . n 
A 1 59 VAL 59 57 57 VAL VAL A . n 
A 1 60 HIS 60 58 58 HIS HIS A . n 
A 1 61 VAL 61 59 59 VAL VAL A . n 
A 1 62 THR 62 60 60 THR THR A . n 
A 1 63 GLN 63 61 61 GLN GLN A . n 
A 1 64 GLU 64 62 62 GLU GLU A . n 
A 1 65 ASP 65 63 63 ASP ASP A . n 
A 1 66 PHE 66 64 64 PHE PHE A . n 
A 1 67 GLU 67 65 65 GLU GLU A . n 
A 1 68 MSE 68 66 66 MSE MSE A . n 
A 1 69 ALA 69 67 67 ALA ALA A . n 
A 1 70 VAL 70 68 68 VAL VAL A . n 
A 1 71 ALA 71 69 69 ALA ALA A . n 
A 1 72 LYS 72 70 70 LYS LYS A . n 
A 1 73 VAL 73 71 71 VAL VAL A . n 
A 1 74 MSE 74 72 72 MSE MSE A . n 
A 1 75 GLN 75 73 73 GLN GLN A . n 
A 1 76 LYS 76 74 ?  ?   ?   A . n 
A 1 77 ASP 77 75 ?  ?   ?   A . n 
A 1 78 SER 78 76 ?  ?   ?   A . n 
# 
loop_
_pdbx_nonpoly_scheme.asym_id 
_pdbx_nonpoly_scheme.entity_id 
_pdbx_nonpoly_scheme.mon_id 
_pdbx_nonpoly_scheme.ndb_seq_num 
_pdbx_nonpoly_scheme.pdb_seq_num 
_pdbx_nonpoly_scheme.auth_seq_num 
_pdbx_nonpoly_scheme.pdb_mon_id 
_pdbx_nonpoly_scheme.auth_mon_id 
_pdbx_nonpoly_scheme.pdb_strand_id 
_pdbx_nonpoly_scheme.pdb_ins_code 
B 2 HOH 1  77  1  HOH TIP A . 
B 2 HOH 2  78  2  HOH TIP A . 
B 2 HOH 3  79  3  HOH TIP A . 
B 2 HOH 4  80  4  HOH TIP A . 
B 2 HOH 5  81  5  HOH TIP A . 
B 2 HOH 6  82  6  HOH TIP A . 
B 2 HOH 7  83  7  HOH TIP A . 
B 2 HOH 8  84  8  HOH TIP A . 
B 2 HOH 9  85  9  HOH TIP A . 
B 2 HOH 10 86  10 HOH TIP A . 
B 2 HOH 11 87  11 HOH TIP A . 
B 2 HOH 12 88  12 HOH TIP A . 
B 2 HOH 13 89  13 HOH TIP A . 
B 2 HOH 14 90  14 HOH TIP A . 
B 2 HOH 15 91  15 HOH TIP A . 
B 2 HOH 16 92  16 HOH TIP A . 
B 2 HOH 17 93  17 HOH TIP A . 
B 2 HOH 18 94  18 HOH TIP A . 
B 2 HOH 19 95  19 HOH TIP A . 
B 2 HOH 20 96  20 HOH TIP A . 
B 2 HOH 21 97  21 HOH TIP A . 
B 2 HOH 22 98  22 HOH TIP A . 
B 2 HOH 23 99  23 HOH TIP A . 
B 2 HOH 24 100 24 HOH TIP A . 
B 2 HOH 25 101 25 HOH TIP A . 
B 2 HOH 26 102 26 HOH TIP A . 
B 2 HOH 27 103 27 HOH TIP A . 
B 2 HOH 28 104 28 HOH TIP A . 
B 2 HOH 29 105 29 HOH TIP A . 
B 2 HOH 30 106 30 HOH TIP A . 
# 
loop_
_pdbx_unobs_or_zero_occ_atoms.id 
_pdbx_unobs_or_zero_occ_atoms.PDB_model_num 
_pdbx_unobs_or_zero_occ_atoms.polymer_flag 
_pdbx_unobs_or_zero_occ_atoms.occupancy_flag 
_pdbx_unobs_or_zero_occ_atoms.auth_asym_id 
_pdbx_unobs_or_zero_occ_atoms.auth_comp_id 
_pdbx_unobs_or_zero_occ_atoms.auth_seq_id 
_pdbx_unobs_or_zero_occ_atoms.PDB_ins_code 
_pdbx_unobs_or_zero_occ_atoms.auth_atom_id 
_pdbx_unobs_or_zero_occ_atoms.label_alt_id 
_pdbx_unobs_or_zero_occ_atoms.label_asym_id 
_pdbx_unobs_or_zero_occ_atoms.label_comp_id 
_pdbx_unobs_or_zero_occ_atoms.label_seq_id 
_pdbx_unobs_or_zero_occ_atoms.label_atom_id 
1 1 Y 1 A PRO -1 ? CG  ? A PRO 1  CG  
2 1 Y 1 A PRO -1 ? CD  ? A PRO 1  CD  
3 1 Y 1 A PRO 0  ? CG  ? A PRO 2  CG  
4 1 Y 1 A PRO 0  ? CD  ? A PRO 2  CD  
5 1 Y 1 A GLN 73 ? CG  ? A GLN 75 CG  
6 1 Y 1 A GLN 73 ? CD  ? A GLN 75 CD  
7 1 Y 1 A GLN 73 ? OE1 ? A GLN 75 OE1 
8 1 Y 1 A GLN 73 ? NE2 ? A GLN 75 NE2 
# 
loop_
_software.name 
_software.classification 
_software.version 
_software.citation_id 
_software.pdbx_ordinal 
ADSC     'data collection' Quantum ? 1 
SHELXS   phasing           .       ? 2 
CNS      refinement        1.2     ? 3 
HKL-2000 'data reduction'  .       ? 4 
HKL-2000 'data scaling'    .       ? 5 
# 
_cell.entry_id           3KW6 
_cell.length_a           82.415 
_cell.length_b           82.415 
_cell.length_c           26.001 
_cell.angle_alpha        90.00 
_cell.angle_beta         90.00 
_cell.angle_gamma        120.00 
_cell.Z_PDB              6 
_cell.pdbx_unique_axis   ? 
_cell.length_a_esd       ? 
_cell.length_b_esd       ? 
_cell.length_c_esd       ? 
_cell.angle_alpha_esd    ? 
_cell.angle_beta_esd     ? 
_cell.angle_gamma_esd    ? 
# 
_symmetry.entry_id                         3KW6 
_symmetry.space_group_name_H-M             'P 31 2 1' 
_symmetry.pdbx_full_space_group_name_H-M   ? 
_symmetry.cell_setting                     ? 
_symmetry.Int_Tables_number                152 
_symmetry.space_group_name_Hall            ? 
# 
_exptl.entry_id          3KW6 
_exptl.method            'X-RAY DIFFRACTION' 
_exptl.crystals_number   1 
# 
_exptl_crystal.id                    1 
_exptl_crystal.density_meas          ? 
_exptl_crystal.density_Matthews      2.84 
_exptl_crystal.density_percent_sol   56.65 
_exptl_crystal.description           ? 
_exptl_crystal.F_000                 ? 
_exptl_crystal.preparation           ? 
# 
_exptl_crystal_grow.crystal_id      1 
_exptl_crystal_grow.method          'VAPOR DIFFUSION, SITTING DROP' 
_exptl_crystal_grow.temp            293 
_exptl_crystal_grow.temp_details    ? 
_exptl_crystal_grow.pH              9 
_exptl_crystal_grow.pdbx_details    '40% PEG4K, 0.1M TAPS PH9.0, 0.1M NH4HPO4, VAPOR DIFFUSION, SITTING DROP, temperature 293K' 
_exptl_crystal_grow.pdbx_pH_range   ? 
# 
_diffrn.id                     1 
_diffrn.ambient_temp           100 
_diffrn.ambient_temp_details   ? 
_diffrn.crystal_id             1 
# 
_diffrn_detector.diffrn_id              1 
_diffrn_detector.detector               CCD 
_diffrn_detector.type                   'ADSC QUANTUM 4' 
_diffrn_detector.pdbx_collection_date   2009-11-11 
_diffrn_detector.details                ? 
# 
_diffrn_radiation.diffrn_id                        1 
_diffrn_radiation.wavelength_id                    1 
_diffrn_radiation.pdbx_monochromatic_or_laue_m_l   M 
_diffrn_radiation.monochromator                    ? 
_diffrn_radiation.pdbx_diffrn_protocol             'SINGLE WAVELENGTH' 
_diffrn_radiation.pdbx_scattering_type             x-ray 
# 
_diffrn_radiation_wavelength.id           1 
_diffrn_radiation_wavelength.wavelength   0.979 
_diffrn_radiation_wavelength.wt           1.0 
# 
_diffrn_source.diffrn_id                   1 
_diffrn_source.source                      SYNCHROTRON 
_diffrn_source.type                        'NSLS BEAMLINE X4A' 
_diffrn_source.pdbx_synchrotron_site       NSLS 
_diffrn_source.pdbx_synchrotron_beamline   X4A 
_diffrn_source.pdbx_wavelength             ? 
_diffrn_source.pdbx_wavelength_list        0.979 
# 
_reflns.entry_id                     3KW6 
_reflns.observed_criterion_sigma_I   0 
_reflns.observed_criterion_sigma_F   0 
_reflns.d_resolution_low             50 
_reflns.d_resolution_high            2.1 
_reflns.number_obs                   11296 
_reflns.number_all                   11296 
_reflns.percent_possible_obs         97.9 
_reflns.pdbx_Rmerge_I_obs            0.070 
_reflns.pdbx_Rsym_value              0.054 
_reflns.pdbx_netI_over_sigmaI        13.9 
_reflns.B_iso_Wilson_estimate        20.9 
_reflns.pdbx_redundancy              9.6 
_reflns.R_free_details               ? 
_reflns.limit_h_max                  ? 
_reflns.limit_h_min                  ? 
_reflns.limit_k_max                  ? 
_reflns.limit_k_min                  ? 
_reflns.limit_l_max                  ? 
_reflns.limit_l_min                  ? 
_reflns.observed_criterion_F_max     ? 
_reflns.observed_criterion_F_min     ? 
_reflns.pdbx_chi_squared             ? 
_reflns.pdbx_scaling_rejects         ? 
_reflns.pdbx_diffrn_id               1 
_reflns.pdbx_ordinal                 1 
# 
_reflns_shell.d_res_high             2.10 
_reflns_shell.d_res_low              2.14 
_reflns_shell.percent_possible_all   86.9 
_reflns_shell.Rmerge_I_obs           0.313 
_reflns_shell.pdbx_Rsym_value        0.266 
_reflns_shell.meanI_over_sigI_obs    ? 
_reflns_shell.pdbx_redundancy        5.1 
_reflns_shell.percent_possible_obs   ? 
_reflns_shell.number_unique_all      504 
_reflns_shell.number_measured_all    ? 
_reflns_shell.number_measured_obs    ? 
_reflns_shell.number_unique_obs      ? 
_reflns_shell.pdbx_chi_squared       ? 
_reflns_shell.pdbx_diffrn_id         ? 
_reflns_shell.pdbx_ordinal           1 
# 
_refine.entry_id                                 3KW6 
_refine.ls_number_reflns_obs                     10018 
_refine.ls_number_reflns_all                     ? 
_refine.pdbx_ls_sigma_I                          ? 
_refine.pdbx_ls_sigma_F                          2.0 
_refine.pdbx_data_cutoff_high_absF               180478.00 
_refine.pdbx_data_cutoff_low_absF                0.000000 
_refine.pdbx_data_cutoff_high_rms_absF           ? 
_refine.ls_d_res_low                             35.69 
_refine.ls_d_res_high                            2.10 
_refine.ls_percent_reflns_obs                    86.7 
_refine.ls_R_factor_obs                          0.227 
_refine.ls_R_factor_all                          ? 
_refine.ls_R_factor_R_work                       0.227 
_refine.ls_R_factor_R_free                       0.253 
_refine.ls_R_factor_R_free_error                 0.008 
_refine.ls_R_factor_R_free_error_details         ? 
_refine.ls_percent_reflns_R_free                 9.7 
_refine.ls_number_reflns_R_free                  972 
_refine.ls_number_parameters                     ? 
_refine.ls_number_restraints                     ? 
_refine.occupancy_min                            ? 
_refine.occupancy_max                            ? 
_refine.correlation_coeff_Fo_to_Fc               ? 
_refine.correlation_coeff_Fo_to_Fc_free          ? 
_refine.B_iso_mean                               42.1 
_refine.aniso_B[1][1]                            8.58 
_refine.aniso_B[2][2]                            8.58 
_refine.aniso_B[3][3]                            -17.16 
_refine.aniso_B[1][2]                            0.00 
_refine.aniso_B[1][3]                            0.00 
_refine.aniso_B[2][3]                            0.00 
_refine.solvent_model_details                    'FLAT MODEL' 
_refine.solvent_model_param_ksol                 0.35 
_refine.solvent_model_param_bsol                 45.8622 
_refine.pdbx_solvent_vdw_probe_radii             ? 
_refine.pdbx_solvent_ion_probe_radii             ? 
_refine.pdbx_solvent_shrinkage_radii             ? 
_refine.pdbx_ls_cross_valid_method               THROUGHOUT 
_refine.details                                  'BULK SOLVENT MODEL USED' 
_refine.pdbx_starting_model                      ? 
_refine.pdbx_method_to_determine_struct          SAD 
_refine.pdbx_isotropic_thermal_model             RESTRAINED 
_refine.pdbx_stereochemistry_target_values       'Engh & Huber' 
_refine.pdbx_stereochem_target_val_spec_case     ? 
_refine.pdbx_R_Free_selection_details            RANDOM 
_refine.pdbx_overall_ESU_R                       ? 
_refine.pdbx_overall_ESU_R_Free                  ? 
_refine.overall_SU_ML                            ? 
_refine.overall_SU_B                             ? 
_refine.ls_redundancy_reflns_obs                 ? 
_refine.B_iso_min                                ? 
_refine.B_iso_max                                ? 
_refine.overall_SU_R_Cruickshank_DPI             ? 
_refine.overall_SU_R_free                        ? 
_refine.ls_wR_factor_R_free                      ? 
_refine.ls_wR_factor_R_work                      ? 
_refine.overall_FOM_free_R_set                   ? 
_refine.overall_FOM_work_R_set                   ? 
_refine.pdbx_overall_phase_error                 ? 
_refine.pdbx_refine_id                           'X-RAY DIFFRACTION' 
_refine.pdbx_diffrn_id                           1 
_refine.pdbx_TLS_residual_ADP_flag               ? 
_refine.pdbx_overall_SU_R_free_Cruickshank_DPI   ? 
_refine.pdbx_overall_SU_R_Blow_DPI               ? 
_refine.pdbx_overall_SU_R_free_Blow_DPI          ? 
# 
_refine_analyze.entry_id                        3KW6 
_refine_analyze.Luzzati_coordinate_error_obs    0.28 
_refine_analyze.Luzzati_sigma_a_obs             0.29 
_refine_analyze.Luzzati_d_res_low_obs           5.00 
_refine_analyze.Luzzati_coordinate_error_free   0.33 
_refine_analyze.Luzzati_sigma_a_free            0.18 
_refine_analyze.Luzzati_d_res_low_free          ? 
_refine_analyze.number_disordered_residues      ? 
_refine_analyze.occupancy_sum_hydrogen          ? 
_refine_analyze.occupancy_sum_non_hydrogen      ? 
_refine_analyze.pdbx_Luzzati_d_res_high_obs     ? 
_refine_analyze.pdbx_refine_id                  'X-RAY DIFFRACTION' 
# 
_refine_hist.pdbx_refine_id                   'X-RAY DIFFRACTION' 
_refine_hist.cycle_id                         LAST 
_refine_hist.pdbx_number_atoms_protein        576 
_refine_hist.pdbx_number_atoms_nucleic_acid   0 
_refine_hist.pdbx_number_atoms_ligand         0 
_refine_hist.number_atoms_solvent             30 
_refine_hist.number_atoms_total               606 
_refine_hist.d_res_high                       2.10 
_refine_hist.d_res_low                        35.69 
# 
loop_
_refine_ls_restr.type 
_refine_ls_restr.dev_ideal 
_refine_ls_restr.dev_ideal_target 
_refine_ls_restr.weight 
_refine_ls_restr.number 
_refine_ls_restr.pdbx_refine_id 
_refine_ls_restr.pdbx_restraint_function 
c_bond_d           0.006 ? ? ? 'X-RAY DIFFRACTION' ? 
c_angle_deg        1.2   ? ? ? 'X-RAY DIFFRACTION' ? 
c_dihedral_angle_d 19.0  ? ? ? 'X-RAY DIFFRACTION' ? 
c_improper_angle_d 0.79  ? ? ? 'X-RAY DIFFRACTION' ? 
# 
_refine_ls_restr_ncs.pdbx_refine_id      'X-RAY DIFFRACTION' 
_refine_ls_restr_ncs.dom_id              1 
_refine_ls_restr_ncs.ncs_model_details   NONE 
_refine_ls_restr_ncs.rms_dev_position    ? 
_refine_ls_restr_ncs.weight_position     ? 
_refine_ls_restr_ncs.rms_dev_B_iso       ? 
_refine_ls_restr_ncs.weight_B_iso        ? 
_refine_ls_restr_ncs.pdbx_ordinal        1 
_refine_ls_restr_ncs.pdbx_type           . 
_refine_ls_restr_ncs.pdbx_auth_asym_id   . 
_refine_ls_restr_ncs.pdbx_ens_id         1 
_refine_ls_restr_ncs.pdbx_number         ? 
_refine_ls_restr_ncs.pdbx_asym_id        ? 
_refine_ls_restr_ncs.pdbx_rms            ? 
_refine_ls_restr_ncs.pdbx_weight         ? 
# 
_refine_ls_shell.pdbx_total_number_of_bins_used   6 
_refine_ls_shell.d_res_high                       2.10 
_refine_ls_shell.d_res_low                        2.23 
_refine_ls_shell.number_reflns_R_work             1029 
_refine_ls_shell.R_factor_R_work                  0.297 
_refine_ls_shell.percent_reflns_obs               59.4 
_refine_ls_shell.R_factor_R_free                  0.313 
_refine_ls_shell.R_factor_R_free_error            0.029 
_refine_ls_shell.percent_reflns_R_free            10.0 
_refine_ls_shell.number_reflns_R_free             114 
_refine_ls_shell.number_reflns_all                ? 
_refine_ls_shell.R_factor_all                     ? 
_refine_ls_shell.number_reflns_obs                ? 
_refine_ls_shell.redundancy_reflns_obs            ? 
_refine_ls_shell.pdbx_refine_id                   'X-RAY DIFFRACTION' 
# 
loop_
_pdbx_xplor_file.serial_no 
_pdbx_xplor_file.param_file 
_pdbx_xplor_file.topol_file 
_pdbx_xplor_file.pdbx_refine_id 
1 protein_rep.param protein.top 'X-RAY DIFFRACTION' 
2 water_rep.param   water.top   'X-RAY DIFFRACTION' 
3 ion.param         ion.top     'X-RAY DIFFRACTION' 
# 
_struct_ncs_dom.id            1 
_struct_ncs_dom.details       ? 
_struct_ncs_dom.pdbx_ens_id   1 
# 
_struct_ncs_ens.id        1 
_struct_ncs_ens.details   ? 
# 
_struct.entry_id                  3KW6 
_struct.title                     
;Crystal Structure of a domain of 26S proteasome regulatory subunit 8 from homo sapiens. Northeast Structural Genomics Consortium target id HR3102A
;
_struct.pdbx_model_details        ? 
_struct.pdbx_CASP_flag            ? 
_struct.pdbx_model_type_details   ? 
# 
_struct_keywords.entry_id        3KW6 
_struct_keywords.pdbx_keywords   'PROTEIN BINDING' 
_struct_keywords.text            
;Structural Genomics, PSI-2, Protein Structure Initiative, Northeast Structural Genomics Consortium, NESG, Acetylation, ATP-binding, Cytoplasm, Nucleotide-binding, Nucleus, Polymorphism, Proteasome, PROTEIN BINDING
;
# 
loop_
_struct_asym.id 
_struct_asym.pdbx_blank_PDB_chainid_flag 
_struct_asym.pdbx_modified 
_struct_asym.entity_id 
_struct_asym.details 
A N N 1 ? 
B N N 2 ? 
# 
_struct_ref.id                         1 
_struct_ref.db_name                    UNP 
_struct_ref.db_code                    PRS8_HUMAN 
_struct_ref.pdbx_db_accession          P62195 
_struct_ref.entity_id                  1 
_struct_ref.pdbx_seq_one_letter_code   PPPNEEARLDILKIHSRKMNLTRGINLRKIAELMPGASGAEVKGVCTEAGMYALRERRVHVTQEDFEMAVAKVMQKDS 
_struct_ref.pdbx_align_begin           318 
_struct_ref.pdbx_db_isoform            ? 
# 
_struct_ref_seq.align_id                      1 
_struct_ref_seq.ref_id                        1 
_struct_ref_seq.pdbx_PDB_id_code              3KW6 
_struct_ref_seq.pdbx_strand_id                A 
_struct_ref_seq.seq_align_beg                 1 
_struct_ref_seq.pdbx_seq_align_beg_ins_code   ? 
_struct_ref_seq.seq_align_end                 78 
_struct_ref_seq.pdbx_seq_align_end_ins_code   ? 
_struct_ref_seq.pdbx_db_accession             P62195 
_struct_ref_seq.db_align_beg                  318 
_struct_ref_seq.pdbx_db_align_beg_ins_code    ? 
_struct_ref_seq.db_align_end                  395 
_struct_ref_seq.pdbx_db_align_end_ins_code    ? 
_struct_ref_seq.pdbx_auth_seq_align_beg       -1 
_struct_ref_seq.pdbx_auth_seq_align_end       76 
# 
_pdbx_struct_assembly.id                   1 
_pdbx_struct_assembly.details              author_and_software_defined_assembly 
_pdbx_struct_assembly.method_details       PISA 
_pdbx_struct_assembly.oligomeric_details   monomeric 
_pdbx_struct_assembly.oligomeric_count     1 
# 
_pdbx_struct_assembly_gen.assembly_id       1 
_pdbx_struct_assembly_gen.oper_expression   1 
_pdbx_struct_assembly_gen.asym_id_list      A,B 
# 
_pdbx_struct_oper_list.id                   1 
_pdbx_struct_oper_list.type                 'identity operation' 
_pdbx_struct_oper_list.name                 1_555 
_pdbx_struct_oper_list.symmetry_operation   x,y,z 
_pdbx_struct_oper_list.matrix[1][1]         1.0000000000 
_pdbx_struct_oper_list.matrix[1][2]         0.0000000000 
_pdbx_struct_oper_list.matrix[1][3]         0.0000000000 
_pdbx_struct_oper_list.vector[1]            0.0000000000 
_pdbx_struct_oper_list.matrix[2][1]         0.0000000000 
_pdbx_struct_oper_list.matrix[2][2]         1.0000000000 
_pdbx_struct_oper_list.matrix[2][3]         0.0000000000 
_pdbx_struct_oper_list.vector[2]            0.0000000000 
_pdbx_struct_oper_list.matrix[3][1]         0.0000000000 
_pdbx_struct_oper_list.matrix[3][2]         0.0000000000 
_pdbx_struct_oper_list.matrix[3][3]         1.0000000000 
_pdbx_struct_oper_list.vector[3]            0.0000000000 
# 
_struct_biol.id        1 
_struct_biol.details   ? 
# 
loop_
_struct_conf.conf_type_id 
_struct_conf.id 
_struct_conf.pdbx_PDB_helix_id 
_struct_conf.beg_label_comp_id 
_struct_conf.beg_label_asym_id 
_struct_conf.beg_label_seq_id 
_struct_conf.pdbx_beg_PDB_ins_code 
_struct_conf.end_label_comp_id 
_struct_conf.end_label_asym_id 
_struct_conf.end_label_seq_id 
_struct_conf.pdbx_end_PDB_ins_code 
_struct_conf.beg_auth_comp_id 
_struct_conf.beg_auth_asym_id 
_struct_conf.beg_auth_seq_id 
_struct_conf.end_auth_comp_id 
_struct_conf.end_auth_asym_id 
_struct_conf.end_auth_seq_id 
_struct_conf.pdbx_PDB_helix_class 
_struct_conf.details 
_struct_conf.pdbx_PDB_helix_length 
HELX_P HELX_P1 1 ASN A 4  ? ARG A 17 ? ASN A 2  ARG A 15 1 ? 14 
HELX_P HELX_P2 2 ASN A 26 ? LEU A 33 ? ASN A 24 LEU A 31 1 ? 8  
HELX_P HELX_P3 3 SER A 38 ? GLU A 56 ? SER A 36 GLU A 54 1 ? 19 
HELX_P HELX_P4 4 THR A 62 ? GLN A 75 ? THR A 60 GLN A 73 1 ? 14 
# 
_struct_conf_type.id          HELX_P 
_struct_conf_type.criteria    ? 
_struct_conf_type.reference   ? 
# 
loop_
_struct_conn.id 
_struct_conn.conn_type_id 
_struct_conn.pdbx_leaving_atom_flag 
_struct_conn.pdbx_PDB_id 
_struct_conn.ptnr1_label_asym_id 
_struct_conn.ptnr1_label_comp_id 
_struct_conn.ptnr1_label_seq_id 
_struct_conn.ptnr1_label_atom_id 
_struct_conn.pdbx_ptnr1_label_alt_id 
_struct_conn.pdbx_ptnr1_PDB_ins_code 
_struct_conn.pdbx_ptnr1_standard_comp_id 
_struct_conn.ptnr1_symmetry 
_struct_conn.ptnr2_label_asym_id 
_struct_conn.ptnr2_label_comp_id 
_struct_conn.ptnr2_label_seq_id 
_struct_conn.ptnr2_label_atom_id 
_struct_conn.pdbx_ptnr2_label_alt_id 
_struct_conn.pdbx_ptnr2_PDB_ins_code 
_struct_conn.ptnr1_auth_asym_id 
_struct_conn.ptnr1_auth_comp_id 
_struct_conn.ptnr1_auth_seq_id 
_struct_conn.ptnr2_auth_asym_id 
_struct_conn.ptnr2_auth_comp_id 
_struct_conn.ptnr2_auth_seq_id 
_struct_conn.ptnr2_symmetry 
_struct_conn.pdbx_ptnr3_label_atom_id 
_struct_conn.pdbx_ptnr3_label_seq_id 
_struct_conn.pdbx_ptnr3_label_comp_id 
_struct_conn.pdbx_ptnr3_label_asym_id 
_struct_conn.pdbx_ptnr3_label_alt_id 
_struct_conn.pdbx_ptnr3_PDB_ins_code 
_struct_conn.details 
_struct_conn.pdbx_dist_value 
_struct_conn.pdbx_value_order 
_struct_conn.pdbx_role 
covale1 covale both ? A MSE 19 C ? ? ? 1_555 A ASN 20 N ? ? A MSE 17 A ASN 18 1_555 ? ? ? ? ? ? ? 1.323 ? ? 
covale2 covale both ? A MSE 34 C ? ? ? 1_555 A PRO 35 N ? ? A MSE 32 A PRO 33 1_555 ? ? ? ? ? ? ? 1.343 ? ? 
covale3 covale both ? A MSE 51 C ? ? ? 1_555 A TYR 52 N ? ? A MSE 49 A TYR 50 1_555 ? ? ? ? ? ? ? 1.333 ? ? 
covale4 covale both ? A MSE 68 C ? ? ? 1_555 A ALA 69 N ? ? A MSE 66 A ALA 67 1_555 ? ? ? ? ? ? ? 1.327 ? ? 
covale5 covale both ? A MSE 74 C ? ? ? 1_555 A GLN 75 N ? ? A MSE 72 A GLN 73 1_555 ? ? ? ? ? ? ? 1.328 ? ? 
# 
_struct_conn_type.id          covale 
_struct_conn_type.criteria    ? 
_struct_conn_type.reference   ? 
# 
loop_
_pdbx_modification_feature.ordinal 
_pdbx_modification_feature.label_comp_id 
_pdbx_modification_feature.label_asym_id 
_pdbx_modification_feature.label_seq_id 
_pdbx_modification_feature.label_alt_id 
_pdbx_modification_feature.modified_residue_label_comp_id 
_pdbx_modification_feature.modified_residue_label_asym_id 
_pdbx_modification_feature.modified_residue_label_seq_id 
_pdbx_modification_feature.modified_residue_label_alt_id 
_pdbx_modification_feature.auth_comp_id 
_pdbx_modification_feature.auth_asym_id 
_pdbx_modification_feature.auth_seq_id 
_pdbx_modification_feature.PDB_ins_code 
_pdbx_modification_feature.symmetry 
_pdbx_modification_feature.modified_residue_auth_comp_id 
_pdbx_modification_feature.modified_residue_auth_asym_id 
_pdbx_modification_feature.modified_residue_auth_seq_id 
_pdbx_modification_feature.modified_residue_PDB_ins_code 
_pdbx_modification_feature.modified_residue_symmetry 
_pdbx_modification_feature.comp_id_linking_atom 
_pdbx_modification_feature.modified_residue_id_linking_atom 
_pdbx_modification_feature.modified_residue_id 
_pdbx_modification_feature.ref_pcm_id 
_pdbx_modification_feature.ref_comp_id 
_pdbx_modification_feature.type 
_pdbx_modification_feature.category 
1 MSE A 19 ? . . . . MSE A 17 ? 1_555 . . . . . . . MET 1 MSE Selenomethionine 'Named protein modification' 
2 MSE A 34 ? . . . . MSE A 32 ? 1_555 . . . . . . . MET 1 MSE Selenomethionine 'Named protein modification' 
3 MSE A 51 ? . . . . MSE A 49 ? 1_555 . . . . . . . MET 1 MSE Selenomethionine 'Named protein modification' 
4 MSE A 68 ? . . . . MSE A 66 ? 1_555 . . . . . . . MET 1 MSE Selenomethionine 'Named protein modification' 
5 MSE A 74 ? . . . . MSE A 72 ? 1_555 . . . . . . . MET 1 MSE Selenomethionine 'Named protein modification' 
# 
_struct_sheet.id               A 
_struct_sheet.type             ? 
_struct_sheet.number_strands   2 
_struct_sheet.details          ? 
# 
_struct_sheet_order.sheet_id     A 
_struct_sheet_order.range_id_1   1 
_struct_sheet_order.range_id_2   2 
_struct_sheet_order.offset       ? 
_struct_sheet_order.sense        parallel 
# 
loop_
_struct_sheet_range.sheet_id 
_struct_sheet_range.id 
_struct_sheet_range.beg_label_comp_id 
_struct_sheet_range.beg_label_asym_id 
_struct_sheet_range.beg_label_seq_id 
_struct_sheet_range.pdbx_beg_PDB_ins_code 
_struct_sheet_range.end_label_comp_id 
_struct_sheet_range.end_label_asym_id 
_struct_sheet_range.end_label_seq_id 
_struct_sheet_range.pdbx_end_PDB_ins_code 
_struct_sheet_range.beg_auth_comp_id 
_struct_sheet_range.beg_auth_asym_id 
_struct_sheet_range.beg_auth_seq_id 
_struct_sheet_range.end_auth_comp_id 
_struct_sheet_range.end_auth_asym_id 
_struct_sheet_range.end_auth_seq_id 
A 1 ASN A 20 ? LEU A 21 ? ASN A 18 LEU A 19 
A 2 HIS A 60 ? VAL A 61 ? HIS A 58 VAL A 59 
# 
_pdbx_struct_sheet_hbond.sheet_id                A 
_pdbx_struct_sheet_hbond.range_id_1              1 
_pdbx_struct_sheet_hbond.range_id_2              2 
_pdbx_struct_sheet_hbond.range_1_label_atom_id   N 
_pdbx_struct_sheet_hbond.range_1_label_comp_id   ASN 
_pdbx_struct_sheet_hbond.range_1_label_asym_id   A 
_pdbx_struct_sheet_hbond.range_1_label_seq_id    20 
_pdbx_struct_sheet_hbond.range_1_PDB_ins_code    ? 
_pdbx_struct_sheet_hbond.range_1_auth_atom_id    N 
_pdbx_struct_sheet_hbond.range_1_auth_comp_id    ASN 
_pdbx_struct_sheet_hbond.range_1_auth_asym_id    A 
_pdbx_struct_sheet_hbond.range_1_auth_seq_id     18 
_pdbx_struct_sheet_hbond.range_2_label_atom_id   O 
_pdbx_struct_sheet_hbond.range_2_label_comp_id   VAL 
_pdbx_struct_sheet_hbond.range_2_label_asym_id   A 
_pdbx_struct_sheet_hbond.range_2_label_seq_id    61 
_pdbx_struct_sheet_hbond.range_2_PDB_ins_code    ? 
_pdbx_struct_sheet_hbond.range_2_auth_atom_id    O 
_pdbx_struct_sheet_hbond.range_2_auth_comp_id    VAL 
_pdbx_struct_sheet_hbond.range_2_auth_asym_id    A 
_pdbx_struct_sheet_hbond.range_2_auth_seq_id     59 
# 
_pdbx_entry_details.entry_id                   3KW6 
_pdbx_entry_details.compound_details           ? 
_pdbx_entry_details.source_details             ? 
_pdbx_entry_details.nonpolymer_details         ? 
_pdbx_entry_details.sequence_details           ? 
_pdbx_entry_details.has_ligand_of_interest     ? 
_pdbx_entry_details.has_protein_modification   Y 
# 
_pdbx_SG_project.id                    1 
_pdbx_SG_project.project_name          'PSI, Protein Structure Initiative' 
_pdbx_SG_project.full_name_of_center   'Northeast Structural Genomics Consortium' 
_pdbx_SG_project.initial_of_center     NESG 
# 
loop_
_pdbx_struct_mod_residue.id 
_pdbx_struct_mod_residue.label_asym_id 
_pdbx_struct_mod_residue.label_comp_id 
_pdbx_struct_mod_residue.label_seq_id 
_pdbx_struct_mod_residue.auth_asym_id 
_pdbx_struct_mod_residue.auth_comp_id 
_pdbx_struct_mod_residue.auth_seq_id 
_pdbx_struct_mod_residue.PDB_ins_code 
_pdbx_struct_mod_residue.parent_comp_id 
_pdbx_struct_mod_residue.details 
1 A MSE 19 A MSE 17 ? MET SELENOMETHIONINE 
2 A MSE 34 A MSE 32 ? MET SELENOMETHIONINE 
3 A MSE 51 A MSE 49 ? MET SELENOMETHIONINE 
4 A MSE 68 A MSE 66 ? MET SELENOMETHIONINE 
5 A MSE 74 A MSE 72 ? MET SELENOMETHIONINE 
# 
loop_
_pdbx_unobs_or_zero_occ_residues.id 
_pdbx_unobs_or_zero_occ_residues.PDB_model_num 
_pdbx_unobs_or_zero_occ_residues.polymer_flag 
_pdbx_unobs_or_zero_occ_residues.occupancy_flag 
_pdbx_unobs_or_zero_occ_residues.auth_asym_id 
_pdbx_unobs_or_zero_occ_residues.auth_comp_id 
_pdbx_unobs_or_zero_occ_residues.auth_seq_id 
_pdbx_unobs_or_zero_occ_residues.PDB_ins_code 
_pdbx_unobs_or_zero_occ_residues.label_asym_id 
_pdbx_unobs_or_zero_occ_residues.label_comp_id 
_pdbx_unobs_or_zero_occ_residues.label_seq_id 
1 1 Y 1 A LYS 74 ? A LYS 76 
2 1 Y 1 A ASP 75 ? A ASP 77 
3 1 Y 1 A SER 76 ? A SER 78 
# 
loop_
_chem_comp_atom.comp_id 
_chem_comp_atom.atom_id 
_chem_comp_atom.type_symbol 
_chem_comp_atom.pdbx_aromatic_flag 
_chem_comp_atom.pdbx_stereo_config 
_chem_comp_atom.pdbx_ordinal 
ALA N    N  N N 1   
ALA CA   C  N S 2   
ALA C    C  N N 3   
ALA O    O  N N 4   
ALA CB   C  N N 5   
ALA OXT  O  N N 6   
ALA H    H  N N 7   
ALA H2   H  N N 8   
ALA HA   H  N N 9   
ALA HB1  H  N N 10  
ALA HB2  H  N N 11  
ALA HB3  H  N N 12  
ALA HXT  H  N N 13  
ARG N    N  N N 14  
ARG CA   C  N S 15  
ARG C    C  N N 16  
ARG O    O  N N 17  
ARG CB   C  N N 18  
ARG CG   C  N N 19  
ARG CD   C  N N 20  
ARG NE   N  N N 21  
ARG CZ   C  N N 22  
ARG NH1  N  N N 23  
ARG NH2  N  N N 24  
ARG OXT  O  N N 25  
ARG H    H  N N 26  
ARG H2   H  N N 27  
ARG HA   H  N N 28  
ARG HB2  H  N N 29  
ARG HB3  H  N N 30  
ARG HG2  H  N N 31  
ARG HG3  H  N N 32  
ARG HD2  H  N N 33  
ARG HD3  H  N N 34  
ARG HE   H  N N 35  
ARG HH11 H  N N 36  
ARG HH12 H  N N 37  
ARG HH21 H  N N 38  
ARG HH22 H  N N 39  
ARG HXT  H  N N 40  
ASN N    N  N N 41  
ASN CA   C  N S 42  
ASN C    C  N N 43  
ASN O    O  N N 44  
ASN CB   C  N N 45  
ASN CG   C  N N 46  
ASN OD1  O  N N 47  
ASN ND2  N  N N 48  
ASN OXT  O  N N 49  
ASN H    H  N N 50  
ASN H2   H  N N 51  
ASN HA   H  N N 52  
ASN HB2  H  N N 53  
ASN HB3  H  N N 54  
ASN HD21 H  N N 55  
ASN HD22 H  N N 56  
ASN HXT  H  N N 57  
ASP N    N  N N 58  
ASP CA   C  N S 59  
ASP C    C  N N 60  
ASP O    O  N N 61  
ASP CB   C  N N 62  
ASP CG   C  N N 63  
ASP OD1  O  N N 64  
ASP OD2  O  N N 65  
ASP OXT  O  N N 66  
ASP H    H  N N 67  
ASP H2   H  N N 68  
ASP HA   H  N N 69  
ASP HB2  H  N N 70  
ASP HB3  H  N N 71  
ASP HD2  H  N N 72  
ASP HXT  H  N N 73  
CYS N    N  N N 74  
CYS CA   C  N R 75  
CYS C    C  N N 76  
CYS O    O  N N 77  
CYS CB   C  N N 78  
CYS SG   S  N N 79  
CYS OXT  O  N N 80  
CYS H    H  N N 81  
CYS H2   H  N N 82  
CYS HA   H  N N 83  
CYS HB2  H  N N 84  
CYS HB3  H  N N 85  
CYS HG   H  N N 86  
CYS HXT  H  N N 87  
GLN N    N  N N 88  
GLN CA   C  N S 89  
GLN C    C  N N 90  
GLN O    O  N N 91  
GLN CB   C  N N 92  
GLN CG   C  N N 93  
GLN CD   C  N N 94  
GLN OE1  O  N N 95  
GLN NE2  N  N N 96  
GLN OXT  O  N N 97  
GLN H    H  N N 98  
GLN H2   H  N N 99  
GLN HA   H  N N 100 
GLN HB2  H  N N 101 
GLN HB3  H  N N 102 
GLN HG2  H  N N 103 
GLN HG3  H  N N 104 
GLN HE21 H  N N 105 
GLN HE22 H  N N 106 
GLN HXT  H  N N 107 
GLU N    N  N N 108 
GLU CA   C  N S 109 
GLU C    C  N N 110 
GLU O    O  N N 111 
GLU CB   C  N N 112 
GLU CG   C  N N 113 
GLU CD   C  N N 114 
GLU OE1  O  N N 115 
GLU OE2  O  N N 116 
GLU OXT  O  N N 117 
GLU H    H  N N 118 
GLU H2   H  N N 119 
GLU HA   H  N N 120 
GLU HB2  H  N N 121 
GLU HB3  H  N N 122 
GLU HG2  H  N N 123 
GLU HG3  H  N N 124 
GLU HE2  H  N N 125 
GLU HXT  H  N N 126 
GLY N    N  N N 127 
GLY CA   C  N N 128 
GLY C    C  N N 129 
GLY O    O  N N 130 
GLY OXT  O  N N 131 
GLY H    H  N N 132 
GLY H2   H  N N 133 
GLY HA2  H  N N 134 
GLY HA3  H  N N 135 
GLY HXT  H  N N 136 
HIS N    N  N N 137 
HIS CA   C  N S 138 
HIS C    C  N N 139 
HIS O    O  N N 140 
HIS CB   C  N N 141 
HIS CG   C  Y N 142 
HIS ND1  N  Y N 143 
HIS CD2  C  Y N 144 
HIS CE1  C  Y N 145 
HIS NE2  N  Y N 146 
HIS OXT  O  N N 147 
HIS H    H  N N 148 
HIS H2   H  N N 149 
HIS HA   H  N N 150 
HIS HB2  H  N N 151 
HIS HB3  H  N N 152 
HIS HD1  H  N N 153 
HIS HD2  H  N N 154 
HIS HE1  H  N N 155 
HIS HE2  H  N N 156 
HIS HXT  H  N N 157 
HOH O    O  N N 158 
HOH H1   H  N N 159 
HOH H2   H  N N 160 
ILE N    N  N N 161 
ILE CA   C  N S 162 
ILE C    C  N N 163 
ILE O    O  N N 164 
ILE CB   C  N S 165 
ILE CG1  C  N N 166 
ILE CG2  C  N N 167 
ILE CD1  C  N N 168 
ILE OXT  O  N N 169 
ILE H    H  N N 170 
ILE H2   H  N N 171 
ILE HA   H  N N 172 
ILE HB   H  N N 173 
ILE HG12 H  N N 174 
ILE HG13 H  N N 175 
ILE HG21 H  N N 176 
ILE HG22 H  N N 177 
ILE HG23 H  N N 178 
ILE HD11 H  N N 179 
ILE HD12 H  N N 180 
ILE HD13 H  N N 181 
ILE HXT  H  N N 182 
LEU N    N  N N 183 
LEU CA   C  N S 184 
LEU C    C  N N 185 
LEU O    O  N N 186 
LEU CB   C  N N 187 
LEU CG   C  N N 188 
LEU CD1  C  N N 189 
LEU CD2  C  N N 190 
LEU OXT  O  N N 191 
LEU H    H  N N 192 
LEU H2   H  N N 193 
LEU HA   H  N N 194 
LEU HB2  H  N N 195 
LEU HB3  H  N N 196 
LEU HG   H  N N 197 
LEU HD11 H  N N 198 
LEU HD12 H  N N 199 
LEU HD13 H  N N 200 
LEU HD21 H  N N 201 
LEU HD22 H  N N 202 
LEU HD23 H  N N 203 
LEU HXT  H  N N 204 
LYS N    N  N N 205 
LYS CA   C  N S 206 
LYS C    C  N N 207 
LYS O    O  N N 208 
LYS CB   C  N N 209 
LYS CG   C  N N 210 
LYS CD   C  N N 211 
LYS CE   C  N N 212 
LYS NZ   N  N N 213 
LYS OXT  O  N N 214 
LYS H    H  N N 215 
LYS H2   H  N N 216 
LYS HA   H  N N 217 
LYS HB2  H  N N 218 
LYS HB3  H  N N 219 
LYS HG2  H  N N 220 
LYS HG3  H  N N 221 
LYS HD2  H  N N 222 
LYS HD3  H  N N 223 
LYS HE2  H  N N 224 
LYS HE3  H  N N 225 
LYS HZ1  H  N N 226 
LYS HZ2  H  N N 227 
LYS HZ3  H  N N 228 
LYS HXT  H  N N 229 
MSE N    N  N N 230 
MSE CA   C  N S 231 
MSE C    C  N N 232 
MSE O    O  N N 233 
MSE OXT  O  N N 234 
MSE CB   C  N N 235 
MSE CG   C  N N 236 
MSE SE   SE N N 237 
MSE CE   C  N N 238 
MSE H    H  N N 239 
MSE H2   H  N N 240 
MSE HA   H  N N 241 
MSE HXT  H  N N 242 
MSE HB2  H  N N 243 
MSE HB3  H  N N 244 
MSE HG2  H  N N 245 
MSE HG3  H  N N 246 
MSE HE1  H  N N 247 
MSE HE2  H  N N 248 
MSE HE3  H  N N 249 
PHE N    N  N N 250 
PHE CA   C  N S 251 
PHE C    C  N N 252 
PHE O    O  N N 253 
PHE CB   C  N N 254 
PHE CG   C  Y N 255 
PHE CD1  C  Y N 256 
PHE CD2  C  Y N 257 
PHE CE1  C  Y N 258 
PHE CE2  C  Y N 259 
PHE CZ   C  Y N 260 
PHE OXT  O  N N 261 
PHE H    H  N N 262 
PHE H2   H  N N 263 
PHE HA   H  N N 264 
PHE HB2  H  N N 265 
PHE HB3  H  N N 266 
PHE HD1  H  N N 267 
PHE HD2  H  N N 268 
PHE HE1  H  N N 269 
PHE HE2  H  N N 270 
PHE HZ   H  N N 271 
PHE HXT  H  N N 272 
PRO N    N  N N 273 
PRO CA   C  N S 274 
PRO C    C  N N 275 
PRO O    O  N N 276 
PRO CB   C  N N 277 
PRO CG   C  N N 278 
PRO CD   C  N N 279 
PRO OXT  O  N N 280 
PRO H    H  N N 281 
PRO HA   H  N N 282 
PRO HB2  H  N N 283 
PRO HB3  H  N N 284 
PRO HG2  H  N N 285 
PRO HG3  H  N N 286 
PRO HD2  H  N N 287 
PRO HD3  H  N N 288 
PRO HXT  H  N N 289 
SER N    N  N N 290 
SER CA   C  N S 291 
SER C    C  N N 292 
SER O    O  N N 293 
SER CB   C  N N 294 
SER OG   O  N N 295 
SER OXT  O  N N 296 
SER H    H  N N 297 
SER H2   H  N N 298 
SER HA   H  N N 299 
SER HB2  H  N N 300 
SER HB3  H  N N 301 
SER HG   H  N N 302 
SER HXT  H  N N 303 
THR N    N  N N 304 
THR CA   C  N S 305 
THR C    C  N N 306 
THR O    O  N N 307 
THR CB   C  N R 308 
THR OG1  O  N N 309 
THR CG2  C  N N 310 
THR OXT  O  N N 311 
THR H    H  N N 312 
THR H2   H  N N 313 
THR HA   H  N N 314 
THR HB   H  N N 315 
THR HG1  H  N N 316 
THR HG21 H  N N 317 
THR HG22 H  N N 318 
THR HG23 H  N N 319 
THR HXT  H  N N 320 
TYR N    N  N N 321 
TYR CA   C  N S 322 
TYR C    C  N N 323 
TYR O    O  N N 324 
TYR CB   C  N N 325 
TYR CG   C  Y N 326 
TYR CD1  C  Y N 327 
TYR CD2  C  Y N 328 
TYR CE1  C  Y N 329 
TYR CE2  C  Y N 330 
TYR CZ   C  Y N 331 
TYR OH   O  N N 332 
TYR OXT  O  N N 333 
TYR H    H  N N 334 
TYR H2   H  N N 335 
TYR HA   H  N N 336 
TYR HB2  H  N N 337 
TYR HB3  H  N N 338 
TYR HD1  H  N N 339 
TYR HD2  H  N N 340 
TYR HE1  H  N N 341 
TYR HE2  H  N N 342 
TYR HH   H  N N 343 
TYR HXT  H  N N 344 
VAL N    N  N N 345 
VAL CA   C  N S 346 
VAL C    C  N N 347 
VAL O    O  N N 348 
VAL CB   C  N N 349 
VAL CG1  C  N N 350 
VAL CG2  C  N N 351 
VAL OXT  O  N N 352 
VAL H    H  N N 353 
VAL H2   H  N N 354 
VAL HA   H  N N 355 
VAL HB   H  N N 356 
VAL HG11 H  N N 357 
VAL HG12 H  N N 358 
VAL HG13 H  N N 359 
VAL HG21 H  N N 360 
VAL HG22 H  N N 361 
VAL HG23 H  N N 362 
VAL HXT  H  N N 363 
# 
loop_
_chem_comp_bond.comp_id 
_chem_comp_bond.atom_id_1 
_chem_comp_bond.atom_id_2 
_chem_comp_bond.value_order 
_chem_comp_bond.pdbx_aromatic_flag 
_chem_comp_bond.pdbx_stereo_config 
_chem_comp_bond.pdbx_ordinal 
ALA N   CA   sing N N 1   
ALA N   H    sing N N 2   
ALA N   H2   sing N N 3   
ALA CA  C    sing N N 4   
ALA CA  CB   sing N N 5   
ALA CA  HA   sing N N 6   
ALA C   O    doub N N 7   
ALA C   OXT  sing N N 8   
ALA CB  HB1  sing N N 9   
ALA CB  HB2  sing N N 10  
ALA CB  HB3  sing N N 11  
ALA OXT HXT  sing N N 12  
ARG N   CA   sing N N 13  
ARG N   H    sing N N 14  
ARG N   H2   sing N N 15  
ARG CA  C    sing N N 16  
ARG CA  CB   sing N N 17  
ARG CA  HA   sing N N 18  
ARG C   O    doub N N 19  
ARG C   OXT  sing N N 20  
ARG CB  CG   sing N N 21  
ARG CB  HB2  sing N N 22  
ARG CB  HB3  sing N N 23  
ARG CG  CD   sing N N 24  
ARG CG  HG2  sing N N 25  
ARG CG  HG3  sing N N 26  
ARG CD  NE   sing N N 27  
ARG CD  HD2  sing N N 28  
ARG CD  HD3  sing N N 29  
ARG NE  CZ   sing N N 30  
ARG NE  HE   sing N N 31  
ARG CZ  NH1  sing N N 32  
ARG CZ  NH2  doub N N 33  
ARG NH1 HH11 sing N N 34  
ARG NH1 HH12 sing N N 35  
ARG NH2 HH21 sing N N 36  
ARG NH2 HH22 sing N N 37  
ARG OXT HXT  sing N N 38  
ASN N   CA   sing N N 39  
ASN N   H    sing N N 40  
ASN N   H2   sing N N 41  
ASN CA  C    sing N N 42  
ASN CA  CB   sing N N 43  
ASN CA  HA   sing N N 44  
ASN C   O    doub N N 45  
ASN C   OXT  sing N N 46  
ASN CB  CG   sing N N 47  
ASN CB  HB2  sing N N 48  
ASN CB  HB3  sing N N 49  
ASN CG  OD1  doub N N 50  
ASN CG  ND2  sing N N 51  
ASN ND2 HD21 sing N N 52  
ASN ND2 HD22 sing N N 53  
ASN OXT HXT  sing N N 54  
ASP N   CA   sing N N 55  
ASP N   H    sing N N 56  
ASP N   H2   sing N N 57  
ASP CA  C    sing N N 58  
ASP CA  CB   sing N N 59  
ASP CA  HA   sing N N 60  
ASP C   O    doub N N 61  
ASP C   OXT  sing N N 62  
ASP CB  CG   sing N N 63  
ASP CB  HB2  sing N N 64  
ASP CB  HB3  sing N N 65  
ASP CG  OD1  doub N N 66  
ASP CG  OD2  sing N N 67  
ASP OD2 HD2  sing N N 68  
ASP OXT HXT  sing N N 69  
CYS N   CA   sing N N 70  
CYS N   H    sing N N 71  
CYS N   H2   sing N N 72  
CYS CA  C    sing N N 73  
CYS CA  CB   sing N N 74  
CYS CA  HA   sing N N 75  
CYS C   O    doub N N 76  
CYS C   OXT  sing N N 77  
CYS CB  SG   sing N N 78  
CYS CB  HB2  sing N N 79  
CYS CB  HB3  sing N N 80  
CYS SG  HG   sing N N 81  
CYS OXT HXT  sing N N 82  
GLN N   CA   sing N N 83  
GLN N   H    sing N N 84  
GLN N   H2   sing N N 85  
GLN CA  C    sing N N 86  
GLN CA  CB   sing N N 87  
GLN CA  HA   sing N N 88  
GLN C   O    doub N N 89  
GLN C   OXT  sing N N 90  
GLN CB  CG   sing N N 91  
GLN CB  HB2  sing N N 92  
GLN CB  HB3  sing N N 93  
GLN CG  CD   sing N N 94  
GLN CG  HG2  sing N N 95  
GLN CG  HG3  sing N N 96  
GLN CD  OE1  doub N N 97  
GLN CD  NE2  sing N N 98  
GLN NE2 HE21 sing N N 99  
GLN NE2 HE22 sing N N 100 
GLN OXT HXT  sing N N 101 
GLU N   CA   sing N N 102 
GLU N   H    sing N N 103 
GLU N   H2   sing N N 104 
GLU CA  C    sing N N 105 
GLU CA  CB   sing N N 106 
GLU CA  HA   sing N N 107 
GLU C   O    doub N N 108 
GLU C   OXT  sing N N 109 
GLU CB  CG   sing N N 110 
GLU CB  HB2  sing N N 111 
GLU CB  HB3  sing N N 112 
GLU CG  CD   sing N N 113 
GLU CG  HG2  sing N N 114 
GLU CG  HG3  sing N N 115 
GLU CD  OE1  doub N N 116 
GLU CD  OE2  sing N N 117 
GLU OE2 HE2  sing N N 118 
GLU OXT HXT  sing N N 119 
GLY N   CA   sing N N 120 
GLY N   H    sing N N 121 
GLY N   H2   sing N N 122 
GLY CA  C    sing N N 123 
GLY CA  HA2  sing N N 124 
GLY CA  HA3  sing N N 125 
GLY C   O    doub N N 126 
GLY C   OXT  sing N N 127 
GLY OXT HXT  sing N N 128 
HIS N   CA   sing N N 129 
HIS N   H    sing N N 130 
HIS N   H2   sing N N 131 
HIS CA  C    sing N N 132 
HIS CA  CB   sing N N 133 
HIS CA  HA   sing N N 134 
HIS C   O    doub N N 135 
HIS C   OXT  sing N N 136 
HIS CB  CG   sing N N 137 
HIS CB  HB2  sing N N 138 
HIS CB  HB3  sing N N 139 
HIS CG  ND1  sing Y N 140 
HIS CG  CD2  doub Y N 141 
HIS ND1 CE1  doub Y N 142 
HIS ND1 HD1  sing N N 143 
HIS CD2 NE2  sing Y N 144 
HIS CD2 HD2  sing N N 145 
HIS CE1 NE2  sing Y N 146 
HIS CE1 HE1  sing N N 147 
HIS NE2 HE2  sing N N 148 
HIS OXT HXT  sing N N 149 
HOH O   H1   sing N N 150 
HOH O   H2   sing N N 151 
ILE N   CA   sing N N 152 
ILE N   H    sing N N 153 
ILE N   H2   sing N N 154 
ILE CA  C    sing N N 155 
ILE CA  CB   sing N N 156 
ILE CA  HA   sing N N 157 
ILE C   O    doub N N 158 
ILE C   OXT  sing N N 159 
ILE CB  CG1  sing N N 160 
ILE CB  CG2  sing N N 161 
ILE CB  HB   sing N N 162 
ILE CG1 CD1  sing N N 163 
ILE CG1 HG12 sing N N 164 
ILE CG1 HG13 sing N N 165 
ILE CG2 HG21 sing N N 166 
ILE CG2 HG22 sing N N 167 
ILE CG2 HG23 sing N N 168 
ILE CD1 HD11 sing N N 169 
ILE CD1 HD12 sing N N 170 
ILE CD1 HD13 sing N N 171 
ILE OXT HXT  sing N N 172 
LEU N   CA   sing N N 173 
LEU N   H    sing N N 174 
LEU N   H2   sing N N 175 
LEU CA  C    sing N N 176 
LEU CA  CB   sing N N 177 
LEU CA  HA   sing N N 178 
LEU C   O    doub N N 179 
LEU C   OXT  sing N N 180 
LEU CB  CG   sing N N 181 
LEU CB  HB2  sing N N 182 
LEU CB  HB3  sing N N 183 
LEU CG  CD1  sing N N 184 
LEU CG  CD2  sing N N 185 
LEU CG  HG   sing N N 186 
LEU CD1 HD11 sing N N 187 
LEU CD1 HD12 sing N N 188 
LEU CD1 HD13 sing N N 189 
LEU CD2 HD21 sing N N 190 
LEU CD2 HD22 sing N N 191 
LEU CD2 HD23 sing N N 192 
LEU OXT HXT  sing N N 193 
LYS N   CA   sing N N 194 
LYS N   H    sing N N 195 
LYS N   H2   sing N N 196 
LYS CA  C    sing N N 197 
LYS CA  CB   sing N N 198 
LYS CA  HA   sing N N 199 
LYS C   O    doub N N 200 
LYS C   OXT  sing N N 201 
LYS CB  CG   sing N N 202 
LYS CB  HB2  sing N N 203 
LYS CB  HB3  sing N N 204 
LYS CG  CD   sing N N 205 
LYS CG  HG2  sing N N 206 
LYS CG  HG3  sing N N 207 
LYS CD  CE   sing N N 208 
LYS CD  HD2  sing N N 209 
LYS CD  HD3  sing N N 210 
LYS CE  NZ   sing N N 211 
LYS CE  HE2  sing N N 212 
LYS CE  HE3  sing N N 213 
LYS NZ  HZ1  sing N N 214 
LYS NZ  HZ2  sing N N 215 
LYS NZ  HZ3  sing N N 216 
LYS OXT HXT  sing N N 217 
MSE N   CA   sing N N 218 
MSE N   H    sing N N 219 
MSE N   H2   sing N N 220 
MSE CA  C    sing N N 221 
MSE CA  CB   sing N N 222 
MSE CA  HA   sing N N 223 
MSE C   O    doub N N 224 
MSE C   OXT  sing N N 225 
MSE OXT HXT  sing N N 226 
MSE CB  CG   sing N N 227 
MSE CB  HB2  sing N N 228 
MSE CB  HB3  sing N N 229 
MSE CG  SE   sing N N 230 
MSE CG  HG2  sing N N 231 
MSE CG  HG3  sing N N 232 
MSE SE  CE   sing N N 233 
MSE CE  HE1  sing N N 234 
MSE CE  HE2  sing N N 235 
MSE CE  HE3  sing N N 236 
PHE N   CA   sing N N 237 
PHE N   H    sing N N 238 
PHE N   H2   sing N N 239 
PHE CA  C    sing N N 240 
PHE CA  CB   sing N N 241 
PHE CA  HA   sing N N 242 
PHE C   O    doub N N 243 
PHE C   OXT  sing N N 244 
PHE CB  CG   sing N N 245 
PHE CB  HB2  sing N N 246 
PHE CB  HB3  sing N N 247 
PHE CG  CD1  doub Y N 248 
PHE CG  CD2  sing Y N 249 
PHE CD1 CE1  sing Y N 250 
PHE CD1 HD1  sing N N 251 
PHE CD2 CE2  doub Y N 252 
PHE CD2 HD2  sing N N 253 
PHE CE1 CZ   doub Y N 254 
PHE CE1 HE1  sing N N 255 
PHE CE2 CZ   sing Y N 256 
PHE CE2 HE2  sing N N 257 
PHE CZ  HZ   sing N N 258 
PHE OXT HXT  sing N N 259 
PRO N   CA   sing N N 260 
PRO N   CD   sing N N 261 
PRO N   H    sing N N 262 
PRO CA  C    sing N N 263 
PRO CA  CB   sing N N 264 
PRO CA  HA   sing N N 265 
PRO C   O    doub N N 266 
PRO C   OXT  sing N N 267 
PRO CB  CG   sing N N 268 
PRO CB  HB2  sing N N 269 
PRO CB  HB3  sing N N 270 
PRO CG  CD   sing N N 271 
PRO CG  HG2  sing N N 272 
PRO CG  HG3  sing N N 273 
PRO CD  HD2  sing N N 274 
PRO CD  HD3  sing N N 275 
PRO OXT HXT  sing N N 276 
SER N   CA   sing N N 277 
SER N   H    sing N N 278 
SER N   H2   sing N N 279 
SER CA  C    sing N N 280 
SER CA  CB   sing N N 281 
SER CA  HA   sing N N 282 
SER C   O    doub N N 283 
SER C   OXT  sing N N 284 
SER CB  OG   sing N N 285 
SER CB  HB2  sing N N 286 
SER CB  HB3  sing N N 287 
SER OG  HG   sing N N 288 
SER OXT HXT  sing N N 289 
THR N   CA   sing N N 290 
THR N   H    sing N N 291 
THR N   H2   sing N N 292 
THR CA  C    sing N N 293 
THR CA  CB   sing N N 294 
THR CA  HA   sing N N 295 
THR C   O    doub N N 296 
THR C   OXT  sing N N 297 
THR CB  OG1  sing N N 298 
THR CB  CG2  sing N N 299 
THR CB  HB   sing N N 300 
THR OG1 HG1  sing N N 301 
THR CG2 HG21 sing N N 302 
THR CG2 HG22 sing N N 303 
THR CG2 HG23 sing N N 304 
THR OXT HXT  sing N N 305 
TYR N   CA   sing N N 306 
TYR N   H    sing N N 307 
TYR N   H2   sing N N 308 
TYR CA  C    sing N N 309 
TYR CA  CB   sing N N 310 
TYR CA  HA   sing N N 311 
TYR C   O    doub N N 312 
TYR C   OXT  sing N N 313 
TYR CB  CG   sing N N 314 
TYR CB  HB2  sing N N 315 
TYR CB  HB3  sing N N 316 
TYR CG  CD1  doub Y N 317 
TYR CG  CD2  sing Y N 318 
TYR CD1 CE1  sing Y N 319 
TYR CD1 HD1  sing N N 320 
TYR CD2 CE2  doub Y N 321 
TYR CD2 HD2  sing N N 322 
TYR CE1 CZ   doub Y N 323 
TYR CE1 HE1  sing N N 324 
TYR CE2 CZ   sing Y N 325 
TYR CE2 HE2  sing N N 326 
TYR CZ  OH   sing N N 327 
TYR OH  HH   sing N N 328 
TYR OXT HXT  sing N N 329 
VAL N   CA   sing N N 330 
VAL N   H    sing N N 331 
VAL N   H2   sing N N 332 
VAL CA  C    sing N N 333 
VAL CA  CB   sing N N 334 
VAL CA  HA   sing N N 335 
VAL C   O    doub N N 336 
VAL C   OXT  sing N N 337 
VAL CB  CG1  sing N N 338 
VAL CB  CG2  sing N N 339 
VAL CB  HB   sing N N 340 
VAL CG1 HG11 sing N N 341 
VAL CG1 HG12 sing N N 342 
VAL CG1 HG13 sing N N 343 
VAL CG2 HG21 sing N N 344 
VAL CG2 HG22 sing N N 345 
VAL CG2 HG23 sing N N 346 
VAL OXT HXT  sing N N 347 
# 
_atom_sites.entry_id                    3KW6 
_atom_sites.fract_transf_matrix[1][1]   0.00087945 
_atom_sites.fract_transf_matrix[1][2]   -0.01313850 
_atom_sites.fract_transf_matrix[1][3]   -0.00478649 
_atom_sites.fract_transf_matrix[2][1]   -0.00701039 
_atom_sites.fract_transf_matrix[2][2]   -0.00373462 
_atom_sites.fract_transf_matrix[2][3]   -0.01154189 
_atom_sites.fract_transf_matrix[3][1]   0.03026122 
_atom_sites.fract_transf_matrix[3][2]   0.00988721 
_atom_sites.fract_transf_matrix[3][3]   -0.02157947 
_atom_sites.fract_transf_vector[1]      0.855974 
_atom_sites.fract_transf_vector[2]      0.423776 
_atom_sites.fract_transf_vector[3]      0.215332 
# 
loop_
_atom_type.symbol 
C  
N  
O  
S  
SE 
# 
loop_
_atom_site.group_PDB 
_atom_site.id 
_atom_site.type_symbol 
_atom_site.label_atom_id 
_atom_site.label_alt_id 
_atom_site.label_comp_id 
_atom_site.label_asym_id 
_atom_site.label_entity_id 
_atom_site.label_seq_id 
_atom_site.pdbx_PDB_ins_code 
_atom_site.Cartn_x 
_atom_site.Cartn_y 
_atom_site.Cartn_z 
_atom_site.occupancy 
_atom_site.B_iso_or_equiv 
_atom_site.pdbx_formal_charge 
_atom_site.auth_seq_id 
_atom_site.auth_comp_id 
_atom_site.auth_asym_id 
_atom_site.auth_atom_id 
_atom_site.pdbx_PDB_model_num 
ATOM   1   N  N   . PRO A 1 1  ? -11.091 3.759   -11.294 1.00 49.63 ? -1  PRO A N   1 
ATOM   2   C  CA  . PRO A 1 1  ? -10.240 4.958   -11.070 1.00 51.00 ? -1  PRO A CA  1 
ATOM   3   C  C   . PRO A 1 1  ? -11.111 6.055   -10.479 1.00 51.90 ? -1  PRO A C   1 
ATOM   4   O  O   . PRO A 1 1  ? -10.954 7.234   -10.803 1.00 52.27 ? -1  PRO A O   1 
ATOM   5   C  CB  . PRO A 1 1  ? -9.637  5.415   -12.385 1.00 51.97 ? -1  PRO A CB  1 
ATOM   6   N  N   . PRO A 1 2  ? -12.017 5.647   -9.595  1.00 52.16 ? 0   PRO A N   1 
ATOM   7   C  CA  . PRO A 1 2  ? -12.962 6.553   -8.960  1.00 51.28 ? 0   PRO A CA  1 
ATOM   8   C  C   . PRO A 1 2  ? -12.744 6.882   -7.475  1.00 49.73 ? 0   PRO A C   1 
ATOM   9   O  O   . PRO A 1 2  ? -13.045 7.995   -7.047  1.00 50.92 ? 0   PRO A O   1 
ATOM   10  C  CB  . PRO A 1 2  ? -14.382 6.012   -9.166  1.00 52.15 ? 0   PRO A CB  1 
ATOM   11  N  N   . PRO A 1 3  ? -12.221 5.935   -6.672  1.00 47.33 ? 1   PRO A N   1 
ATOM   12  C  CA  . PRO A 1 3  ? -12.018 6.244   -5.245  1.00 45.01 ? 1   PRO A CA  1 
ATOM   13  C  C   . PRO A 1 3  ? -11.195 7.498   -4.970  1.00 42.33 ? 1   PRO A C   1 
ATOM   14  O  O   . PRO A 1 3  ? -10.095 7.657   -5.509  1.00 43.86 ? 1   PRO A O   1 
ATOM   15  C  CB  . PRO A 1 3  ? -11.343 4.983   -4.712  1.00 44.33 ? 1   PRO A CB  1 
ATOM   16  C  CG  . PRO A 1 3  ? -10.566 4.507   -5.890  1.00 47.16 ? 1   PRO A CG  1 
ATOM   17  C  CD  . PRO A 1 3  ? -11.566 4.663   -7.018  1.00 46.62 ? 1   PRO A CD  1 
ATOM   18  N  N   . ASN A 1 4  ? -11.724 8.389   -4.133  1.00 40.79 ? 2   ASN A N   1 
ATOM   19  C  CA  . ASN A 1 4  ? -11.005 9.617   -3.795  1.00 40.16 ? 2   ASN A CA  1 
ATOM   20  C  C   . ASN A 1 4  ? -9.958  9.297   -2.727  1.00 38.48 ? 2   ASN A C   1 
ATOM   21  O  O   . ASN A 1 4  ? -9.824  8.143   -2.331  1.00 38.37 ? 2   ASN A O   1 
ATOM   22  C  CB  . ASN A 1 4  ? -11.961 10.727  -3.325  1.00 40.70 ? 2   ASN A CB  1 
ATOM   23  C  CG  . ASN A 1 4  ? -12.846 10.306  -2.164  1.00 43.62 ? 2   ASN A CG  1 
ATOM   24  O  OD1 . ASN A 1 4  ? -12.395 9.675   -1.213  1.00 43.79 ? 2   ASN A OD1 1 
ATOM   25  N  ND2 . ASN A 1 4  ? -14.123 10.683  -2.232  1.00 45.04 ? 2   ASN A ND2 1 
ATOM   26  N  N   . GLU A 1 5  ? -9.221  10.299  -2.261  1.00 37.79 ? 3   GLU A N   1 
ATOM   27  C  CA  . GLU A 1 5  ? -8.166  10.052  -1.284  1.00 38.99 ? 3   GLU A CA  1 
ATOM   28  C  C   . GLU A 1 5  ? -8.584  9.273   -0.051  1.00 39.25 ? 3   GLU A C   1 
ATOM   29  O  O   . GLU A 1 5  ? -7.943  8.289   0.305   1.00 38.95 ? 3   GLU A O   1 
ATOM   30  C  CB  . GLU A 1 5  ? -7.500  11.357  -0.839  1.00 39.64 ? 3   GLU A CB  1 
ATOM   31  C  CG  . GLU A 1 5  ? -6.187  11.105  -0.101  1.00 41.07 ? 3   GLU A CG  1 
ATOM   32  C  CD  . GLU A 1 5  ? -5.525  12.371  0.394   1.00 42.85 ? 3   GLU A CD  1 
ATOM   33  O  OE1 . GLU A 1 5  ? -5.584  12.630  1.615   1.00 45.08 ? 3   GLU A OE1 1 
ATOM   34  O  OE2 . GLU A 1 5  ? -4.950  13.108  -0.436  1.00 44.04 ? 3   GLU A OE2 1 
ATOM   35  N  N   . GLU A 1 6  ? -9.650  9.718   0.607   1.00 40.36 ? 4   GLU A N   1 
ATOM   36  C  CA  . GLU A 1 6  ? -10.122 9.046   1.809   1.00 39.08 ? 4   GLU A CA  1 
ATOM   37  C  C   . GLU A 1 6  ? -10.586 7.631   1.508   1.00 38.20 ? 4   GLU A C   1 
ATOM   38  O  O   . GLU A 1 6  ? -10.401 6.726   2.323   1.00 38.15 ? 4   GLU A O   1 
ATOM   39  C  CB  . GLU A 1 6  ? -11.258 9.844   2.446   1.00 43.87 ? 4   GLU A CB  1 
ATOM   40  C  CG  . GLU A 1 6  ? -10.811 11.167  3.072   1.00 47.88 ? 4   GLU A CG  1 
ATOM   41  C  CD  . GLU A 1 6  ? -9.789  10.978  4.181   1.00 50.53 ? 4   GLU A CD  1 
ATOM   42  O  OE1 . GLU A 1 6  ? -9.952  10.031  4.984   1.00 50.02 ? 4   GLU A OE1 1 
ATOM   43  O  OE2 . GLU A 1 6  ? -8.830  11.783  4.259   1.00 53.67 ? 4   GLU A OE2 1 
ATOM   44  N  N   . ALA A 1 7  ? -11.186 7.445   0.337   1.00 36.90 ? 5   ALA A N   1 
ATOM   45  C  CA  . ALA A 1 7  ? -11.667 6.131   -0.066  1.00 35.74 ? 5   ALA A CA  1 
ATOM   46  C  C   . ALA A 1 7  ? -10.473 5.221   -0.335  1.00 37.48 ? 5   ALA A C   1 
ATOM   47  O  O   . ALA A 1 7  ? -10.532 4.024   -0.064  1.00 40.23 ? 5   ALA A O   1 
ATOM   48  C  CB  . ALA A 1 7  ? -12.538 6.244   -1.312  1.00 36.46 ? 5   ALA A CB  1 
ATOM   49  N  N   . ARG A 1 8  ? -9.394  5.789   -0.868  1.00 36.57 ? 6   ARG A N   1 
ATOM   50  C  CA  . ARG A 1 8  ? -8.194  5.006   -1.144  1.00 36.44 ? 6   ARG A CA  1 
ATOM   51  C  C   . ARG A 1 8  ? -7.564  4.579   0.174   1.00 36.45 ? 6   ARG A C   1 
ATOM   52  O  O   . ARG A 1 8  ? -7.250  3.406   0.365   1.00 36.83 ? 6   ARG A O   1 
ATOM   53  C  CB  . ARG A 1 8  ? -7.178  5.808   -1.967  1.00 33.03 ? 6   ARG A CB  1 
ATOM   54  C  CG  . ARG A 1 8  ? -7.596  6.054   -3.416  1.00 33.55 ? 6   ARG A CG  1 
ATOM   55  C  CD  . ARG A 1 8  ? -6.413  6.427   -4.316  1.00 31.76 ? 6   ARG A CD  1 
ATOM   56  N  NE  . ARG A 1 8  ? -5.749  7.687   -3.958  1.00 30.33 ? 6   ARG A NE  1 
ATOM   57  C  CZ  . ARG A 1 8  ? -6.173  8.902   -4.301  1.00 30.76 ? 6   ARG A CZ  1 
ATOM   58  N  NH1 . ARG A 1 8  ? -7.282  9.047   -5.022  1.00 31.57 ? 6   ARG A NH1 1 
ATOM   59  N  NH2 . ARG A 1 8  ? -5.466  9.978   -3.945  1.00 25.17 ? 6   ARG A NH2 1 
ATOM   60  N  N   . LEU A 1 9  ? -7.392  5.541   1.076   1.00 36.85 ? 7   LEU A N   1 
ATOM   61  C  CA  . LEU A 1 9  ? -6.804  5.283   2.385   1.00 37.24 ? 7   LEU A CA  1 
ATOM   62  C  C   . LEU A 1 9  ? -7.572  4.206   3.135   1.00 39.51 ? 7   LEU A C   1 
ATOM   63  O  O   . LEU A 1 9  ? -6.973  3.330   3.764   1.00 40.60 ? 7   LEU A O   1 
ATOM   64  C  CB  . LEU A 1 9  ? -6.768  6.569   3.222   1.00 35.17 ? 7   LEU A CB  1 
ATOM   65  C  CG  . LEU A 1 9  ? -6.145  6.456   4.620   1.00 34.97 ? 7   LEU A CG  1 
ATOM   66  C  CD1 . LEU A 1 9  ? -4.756  5.830   4.513   1.00 34.11 ? 7   LEU A CD1 1 
ATOM   67  C  CD2 . LEU A 1 9  ? -6.050  7.836   5.272   1.00 32.36 ? 7   LEU A CD2 1 
ATOM   68  N  N   . ASP A 1 10 ? -8.901  4.265   3.071   1.00 40.67 ? 8   ASP A N   1 
ATOM   69  C  CA  . ASP A 1 10 ? -9.719  3.275   3.756   1.00 40.71 ? 8   ASP A CA  1 
ATOM   70  C  C   . ASP A 1 10 ? -9.469  1.872   3.229   1.00 39.71 ? 8   ASP A C   1 
ATOM   71  O  O   . ASP A 1 10 ? -9.585  0.904   3.972   1.00 40.10 ? 8   ASP A O   1 
ATOM   72  C  CB  . ASP A 1 10 ? -11.207 3.606   3.626   1.00 43.85 ? 8   ASP A CB  1 
ATOM   73  C  CG  . ASP A 1 10 ? -11.588 4.873   4.369   1.00 47.22 ? 8   ASP A CG  1 
ATOM   74  O  OD1 . ASP A 1 10 ? -10.762 5.384   5.159   1.00 49.20 ? 8   ASP A OD1 1 
ATOM   75  O  OD2 . ASP A 1 10 ? -12.721 5.356   4.166   1.00 51.26 ? 8   ASP A OD2 1 
ATOM   76  N  N   . ILE A 1 11 ? -9.141  1.758   1.946   1.00 39.31 ? 9   ILE A N   1 
ATOM   77  C  CA  . ILE A 1 11 ? -8.873  0.451   1.359   1.00 37.90 ? 9   ILE A CA  1 
ATOM   78  C  C   . ILE A 1 11 ? -7.516  -0.041  1.849   1.00 38.42 ? 9   ILE A C   1 
ATOM   79  O  O   . ILE A 1 11 ? -7.311  -1.238  2.041   1.00 36.75 ? 9   ILE A O   1 
ATOM   80  C  CB  . ILE A 1 11 ? -8.889  0.513   -0.190  1.00 37.38 ? 9   ILE A CB  1 
ATOM   81  C  CG1 . ILE A 1 11 ? -10.308 0.813   -0.681  1.00 35.79 ? 9   ILE A CG1 1 
ATOM   82  C  CG2 . ILE A 1 11 ? -8.408  -0.802  -0.784  1.00 34.62 ? 9   ILE A CG2 1 
ATOM   83  C  CD1 . ILE A 1 11 ? -10.417 0.902   -2.189  1.00 36.11 ? 9   ILE A CD1 1 
ATOM   84  N  N   . LEU A 1 12 ? -6.604  0.899   2.076   1.00 38.60 ? 10  LEU A N   1 
ATOM   85  C  CA  . LEU A 1 12 ? -5.261  0.590   2.559   1.00 39.77 ? 10  LEU A CA  1 
ATOM   86  C  C   . LEU A 1 12 ? -5.271  0.143   4.014   1.00 39.97 ? 10  LEU A C   1 
ATOM   87  O  O   . LEU A 1 12 ? -4.531  -0.763  4.393   1.00 39.56 ? 10  LEU A O   1 
ATOM   88  C  CB  . LEU A 1 12 ? -4.349  1.813   2.426   1.00 38.89 ? 10  LEU A CB  1 
ATOM   89  C  CG  . LEU A 1 12 ? -3.931  2.263   1.026   1.00 38.06 ? 10  LEU A CG  1 
ATOM   90  C  CD1 . LEU A 1 12 ? -3.305  3.646   1.106   1.00 38.20 ? 10  LEU A CD1 1 
ATOM   91  C  CD2 . LEU A 1 12 ? -2.949  1.265   0.441   1.00 38.04 ? 10  LEU A CD2 1 
ATOM   92  N  N   . LYS A 1 13 ? -6.102  0.788   4.828   1.00 41.11 ? 11  LYS A N   1 
ATOM   93  C  CA  . LYS A 1 13 ? -6.196  0.451   6.247   1.00 42.02 ? 11  LYS A CA  1 
ATOM   94  C  C   . LYS A 1 13 ? -6.820  -0.916  6.420   1.00 42.49 ? 11  LYS A C   1 
ATOM   95  O  O   . LYS A 1 13 ? -6.445  -1.677  7.309   1.00 42.11 ? 11  LYS A O   1 
ATOM   96  C  CB  . LYS A 1 13 ? -7.033  1.492   6.997   1.00 43.40 ? 11  LYS A CB  1 
ATOM   97  C  CG  . LYS A 1 13 ? -6.337  2.839   7.157   1.00 45.39 ? 11  LYS A CG  1 
ATOM   98  C  CD  . LYS A 1 13 ? -7.210  3.870   7.878   1.00 48.62 ? 11  LYS A CD  1 
ATOM   99  C  CE  . LYS A 1 13 ? -6.465  5.207   7.994   1.00 52.74 ? 11  LYS A CE  1 
ATOM   100 N  NZ  . LYS A 1 13 ? -7.221  6.266   8.734   1.00 54.86 ? 11  LYS A NZ  1 
ATOM   101 N  N   . ILE A 1 14 ? -7.777  -1.221  5.555   1.00 42.41 ? 12  ILE A N   1 
ATOM   102 C  CA  . ILE A 1 14 ? -8.470  -2.497  5.590   1.00 44.18 ? 12  ILE A CA  1 
ATOM   103 C  C   . ILE A 1 14 ? -7.537  -3.680  5.321   1.00 44.79 ? 12  ILE A C   1 
ATOM   104 O  O   . ILE A 1 14 ? -7.533  -4.657  6.065   1.00 45.13 ? 12  ILE A O   1 
ATOM   105 C  CB  . ILE A 1 14 ? -9.621  -2.519  4.550   1.00 43.58 ? 12  ILE A CB  1 
ATOM   106 C  CG1 . ILE A 1 14 ? -10.765 -1.614  5.026   1.00 44.84 ? 12  ILE A CG1 1 
ATOM   107 C  CG2 . ILE A 1 14 ? -10.103 -3.939  4.327   1.00 42.70 ? 12  ILE A CG2 1 
ATOM   108 C  CD1 . ILE A 1 14 ? -11.898 -1.458  4.020   1.00 46.49 ? 12  ILE A CD1 1 
ATOM   109 N  N   . HIS A 1 15 ? -6.743  -3.583  4.260   1.00 45.86 ? 13  HIS A N   1 
ATOM   110 C  CA  . HIS A 1 15 ? -5.839  -4.661  3.879   1.00 47.33 ? 13  HIS A CA  1 
ATOM   111 C  C   . HIS A 1 15 ? -4.485  -4.720  4.598   1.00 47.44 ? 13  HIS A C   1 
ATOM   112 O  O   . HIS A 1 15 ? -3.758  -5.702  4.469   1.00 49.73 ? 13  HIS A O   1 
ATOM   113 C  CB  . HIS A 1 15 ? -5.638  -4.620  2.364   1.00 49.63 ? 13  HIS A CB  1 
ATOM   114 C  CG  . HIS A 1 15 ? -6.892  -4.893  1.591   1.00 51.19 ? 13  HIS A CG  1 
ATOM   115 N  ND1 . HIS A 1 15 ? -7.408  -6.161  1.435   1.00 52.29 ? 13  HIS A ND1 1 
ATOM   116 C  CD2 . HIS A 1 15 ? -7.761  -4.055  0.975   1.00 51.89 ? 13  HIS A CD2 1 
ATOM   117 C  CE1 . HIS A 1 15 ? -8.540  -6.094  0.755   1.00 52.37 ? 13  HIS A CE1 1 
ATOM   118 N  NE2 . HIS A 1 15 ? -8.778  -4.828  0.466   1.00 51.58 ? 13  HIS A NE2 1 
ATOM   119 N  N   . SER A 1 16 ? -4.164  -3.680  5.360   1.00 47.06 ? 14  SER A N   1 
ATOM   120 C  CA  . SER A 1 16 ? -2.913  -3.603  6.112   1.00 47.05 ? 14  SER A CA  1 
ATOM   121 C  C   . SER A 1 16 ? -3.138  -4.016  7.556   1.00 49.58 ? 14  SER A C   1 
ATOM   122 O  O   . SER A 1 16 ? -2.190  -4.231  8.311   1.00 50.27 ? 14  SER A O   1 
ATOM   123 C  CB  . SER A 1 16 ? -2.380  -2.169  6.110   1.00 43.85 ? 14  SER A CB  1 
ATOM   124 O  OG  . SER A 1 16 ? -2.063  -1.742  4.807   1.00 45.52 ? 14  SER A OG  1 
ATOM   125 N  N   . ARG A 1 17 ? -4.409  -4.098  7.931   1.00 51.40 ? 15  ARG A N   1 
ATOM   126 C  CA  . ARG A 1 17 ? -4.828  -4.451  9.280   1.00 52.05 ? 15  ARG A CA  1 
ATOM   127 C  C   . ARG A 1 17 ? -4.116  -5.669  9.873   1.00 52.83 ? 15  ARG A C   1 
ATOM   128 O  O   . ARG A 1 17 ? -3.786  -5.677  11.061  1.00 53.59 ? 15  ARG A O   1 
ATOM   129 C  CB  . ARG A 1 17 ? -6.338  -4.694  9.298   1.00 53.42 ? 15  ARG A CB  1 
ATOM   130 C  CG  . ARG A 1 17 ? -6.938  -4.662  10.684  1.00 53.58 ? 15  ARG A CG  1 
ATOM   131 C  CD  . ARG A 1 17 ? -7.573  -3.314  10.976  1.00 54.26 ? 15  ARG A CD  1 
ATOM   132 N  NE  . ARG A 1 17 ? -7.731  -3.097  12.413  1.00 54.98 ? 15  ARG A NE  1 
ATOM   133 C  CZ  . ARG A 1 17 ? -8.583  -2.228  12.949  1.00 54.78 ? 15  ARG A CZ  1 
ATOM   134 N  NH1 . ARG A 1 17 ? -9.367  -1.494  12.167  1.00 54.24 ? 15  ARG A NH1 1 
ATOM   135 N  NH2 . ARG A 1 17 ? -8.636  -2.081  14.268  1.00 56.33 ? 15  ARG A NH2 1 
ATOM   136 N  N   . LYS A 1 18 ? -3.883  -6.690  9.051   1.00 50.80 ? 16  LYS A N   1 
ATOM   137 C  CA  . LYS A 1 18 ? -3.235  -7.910  9.522   0.50 50.65 ? 16  LYS A CA  1 
ATOM   138 C  C   . LYS A 1 18 ? -1.741  -7.964  9.224   1.00 51.42 ? 16  LYS A C   1 
ATOM   139 O  O   . LYS A 1 18 ? -1.048  -8.876  9.675   1.00 51.71 ? 16  LYS A O   1 
ATOM   140 C  CB  . LYS A 1 18 ? -3.927  -9.136  8.920   0.50 50.54 ? 16  LYS A CB  1 
ATOM   141 C  CG  . LYS A 1 18 ? -5.282  -9.479  9.543   0.50 48.43 ? 16  LYS A CG  1 
ATOM   142 C  CD  . LYS A 1 18 ? -5.141  -10.441 10.721  0.50 47.64 ? 16  LYS A CD  1 
ATOM   143 C  CE  . LYS A 1 18 ? -4.507  -9.792  11.940  0.50 46.55 ? 16  LYS A CE  1 
ATOM   144 N  NZ  . LYS A 1 18 ? -5.445  -8.861  12.616  0.50 46.25 ? 16  LYS A NZ  1 
HETATM 145 N  N   . MSE A 1 19 ? -1.242  -6.995  8.463   1.00 50.77 ? 17  MSE A N   1 
HETATM 146 C  CA  . MSE A 1 19 ? 0.179   -6.961  8.148   1.00 51.17 ? 17  MSE A CA  1 
HETATM 147 C  C   . MSE A 1 19 ? 0.938   -6.373  9.326   1.00 49.49 ? 17  MSE A C   1 
HETATM 148 O  O   . MSE A 1 19 ? 0.386   -5.610  10.120  1.00 49.59 ? 17  MSE A O   1 
HETATM 149 C  CB  . MSE A 1 19 ? 0.447   -6.113  6.904   1.00 55.05 ? 17  MSE A CB  1 
HETATM 150 C  CG  . MSE A 1 19 ? -0.390  -6.489  5.708   1.00 60.00 ? 17  MSE A CG  1 
HETATM 151 SE SE  . MSE A 1 19 ? 0.360   -5.780  4.091   1.00 68.93 ? 17  MSE A SE  1 
HETATM 152 C  CE  . MSE A 1 19 ? 1.458   -7.291  3.660   1.00 66.26 ? 17  MSE A CE  1 
ATOM   153 N  N   . ASN A 1 20 ? 2.205   -6.735  9.438   0.50 46.95 ? 18  ASN A N   1 
ATOM   154 C  CA  . ASN A 1 20 ? 3.037   -6.234  10.515  0.50 45.33 ? 18  ASN A CA  1 
ATOM   155 C  C   . ASN A 1 20 ? 3.736   -4.979  10.040  0.50 43.58 ? 18  ASN A C   1 
ATOM   156 O  O   . ASN A 1 20 ? 4.887   -5.003  9.613   0.50 41.72 ? 18  ASN A O   1 
ATOM   157 C  CB  . ASN A 1 20 ? 4.034   -7.305  10.920  0.50 45.85 ? 18  ASN A CB  1 
ATOM   158 C  CG  . ASN A 1 20 ? 3.346   -8.572  11.352  0.50 47.54 ? 18  ASN A CG  1 
ATOM   159 O  OD1 . ASN A 1 20 ? 2.664   -8.592  12.375  0.50 48.08 ? 18  ASN A OD1 1 
ATOM   160 N  ND2 . ASN A 1 20 ? 3.493   -9.630  10.563  0.50 47.86 ? 18  ASN A ND2 1 
ATOM   161 N  N   . LEU A 1 21 ? 3.001   -3.877  10.110  1.00 44.02 ? 19  LEU A N   1 
ATOM   162 C  CA  . LEU A 1 21 ? 3.497   -2.583  9.677   1.00 44.68 ? 19  LEU A CA  1 
ATOM   163 C  C   . LEU A 1 21 ? 4.578   -2.056  10.597  1.00 44.85 ? 19  LEU A C   1 
ATOM   164 O  O   . LEU A 1 21 ? 4.411   -2.024  11.813  1.00 44.22 ? 19  LEU A O   1 
ATOM   165 C  CB  . LEU A 1 21 ? 2.337   -1.588  9.598   1.00 44.82 ? 19  LEU A CB  1 
ATOM   166 C  CG  . LEU A 1 21 ? 1.259   -2.018  8.596   1.00 45.44 ? 19  LEU A CG  1 
ATOM   167 C  CD1 . LEU A 1 21 ? 0.120   -1.015  8.577   1.00 45.02 ? 19  LEU A CD1 1 
ATOM   168 C  CD2 . LEU A 1 21 ? 1.886   -2.147  7.215   1.00 43.27 ? 19  LEU A CD2 1 
ATOM   169 N  N   . THR A 1 22 ? 5.696   -1.661  10.000  1.00 45.61 ? 20  THR A N   1 
ATOM   170 C  CA  . THR A 1 22 ? 6.814   -1.116  10.752  1.00 45.10 ? 20  THR A CA  1 
ATOM   171 C  C   . THR A 1 22 ? 6.357   0.143   11.480  1.00 43.81 ? 20  THR A C   1 
ATOM   172 O  O   . THR A 1 22 ? 5.437   0.825   11.040  1.00 43.17 ? 20  THR A O   1 
ATOM   173 C  CB  . THR A 1 22 ? 7.982   -0.765  9.812   1.00 44.91 ? 20  THR A CB  1 
ATOM   174 O  OG1 . THR A 1 22 ? 8.504   -1.970  9.235   1.00 50.29 ? 20  THR A OG1 1 
ATOM   175 C  CG2 . THR A 1 22 ? 9.089   -0.049  10.565  1.00 45.10 ? 20  THR A CG2 1 
ATOM   176 N  N   . ARG A 1 23 ? 7.002   0.425   12.605  1.00 44.36 ? 21  ARG A N   1 
ATOM   177 C  CA  . ARG A 1 23 ? 6.704   1.597   13.421  1.00 45.53 ? 21  ARG A CA  1 
ATOM   178 C  C   . ARG A 1 23 ? 6.853   2.870   12.591  1.00 46.04 ? 21  ARG A C   1 
ATOM   179 O  O   . ARG A 1 23 ? 7.837   3.045   11.871  1.00 45.15 ? 21  ARG A O   1 
ATOM   180 C  CB  . ARG A 1 23 ? 7.666   1.636   14.613  1.00 47.71 ? 21  ARG A CB  1 
ATOM   181 C  CG  . ARG A 1 23 ? 7.608   2.873   15.495  1.00 49.37 ? 21  ARG A CG  1 
ATOM   182 C  CD  . ARG A 1 23 ? 8.807   2.840   16.435  1.00 52.45 ? 21  ARG A CD  1 
ATOM   183 N  NE  . ARG A 1 23 ? 8.929   4.000   17.313  1.00 54.69 ? 21  ARG A NE  1 
ATOM   184 C  CZ  . ARG A 1 23 ? 8.242   4.166   18.438  1.00 56.64 ? 21  ARG A CZ  1 
ATOM   185 N  NH1 . ARG A 1 23 ? 7.372   3.245   18.827  1.00 56.81 ? 21  ARG A NH1 1 
ATOM   186 N  NH2 . ARG A 1 23 ? 8.438   5.245   19.185  1.00 57.61 ? 21  ARG A NH2 1 
ATOM   187 N  N   . GLY A 1 24 ? 5.861   3.749   12.678  1.00 47.39 ? 22  GLY A N   1 
ATOM   188 C  CA  . GLY A 1 24 ? 5.923   4.998   11.937  1.00 47.08 ? 22  GLY A CA  1 
ATOM   189 C  C   . GLY A 1 24 ? 5.648   4.929   10.442  1.00 46.71 ? 22  GLY A C   1 
ATOM   190 O  O   . GLY A 1 24 ? 6.147   5.756   9.686   1.00 50.63 ? 22  GLY A O   1 
ATOM   191 N  N   . ILE A 1 25 ? 4.876   3.947   9.995   1.00 44.32 ? 23  ILE A N   1 
ATOM   192 C  CA  . ILE A 1 25 ? 4.554   3.862   8.575   1.00 40.75 ? 23  ILE A CA  1 
ATOM   193 C  C   . ILE A 1 25 ? 3.435   4.898   8.351   1.00 37.61 ? 23  ILE A C   1 
ATOM   194 O  O   . ILE A 1 25 ? 2.692   5.209   9.280   1.00 36.64 ? 23  ILE A O   1 
ATOM   195 C  CB  . ILE A 1 25 ? 4.078   2.438   8.208   1.00 39.82 ? 23  ILE A CB  1 
ATOM   196 C  CG1 . ILE A 1 25 ? 4.185   2.221   6.703   1.00 41.83 ? 23  ILE A CG1 1 
ATOM   197 C  CG2 . ILE A 1 25 ? 2.643   2.236   8.655   1.00 40.47 ? 23  ILE A CG2 1 
ATOM   198 C  CD1 . ILE A 1 25 ? 4.242   0.766   6.301   1.00 39.24 ? 23  ILE A CD1 1 
ATOM   199 N  N   . ASN A 1 26 ? 3.321   5.448   7.146   1.00 36.38 ? 24  ASN A N   1 
ATOM   200 C  CA  . ASN A 1 26 ? 2.284   6.449   6.883   1.00 34.97 ? 24  ASN A CA  1 
ATOM   201 C  C   . ASN A 1 26 ? 1.421   6.047   5.693   1.00 33.18 ? 24  ASN A C   1 
ATOM   202 O  O   . ASN A 1 26 ? 1.793   6.277   4.546   1.00 34.10 ? 24  ASN A O   1 
ATOM   203 C  CB  . ASN A 1 26 ? 2.920   7.820   6.610   1.00 33.32 ? 24  ASN A CB  1 
ATOM   204 C  CG  . ASN A 1 26 ? 1.903   8.956   6.637   1.00 35.26 ? 24  ASN A CG  1 
ATOM   205 O  OD1 . ASN A 1 26 ? 0.819   8.846   6.076   1.00 34.72 ? 24  ASN A OD1 1 
ATOM   206 N  ND2 . ASN A 1 26 ? 2.265   10.060  7.283   1.00 37.56 ? 24  ASN A ND2 1 
ATOM   207 N  N   . LEU A 1 27 ? 0.262   5.462   5.967   1.00 33.50 ? 25  LEU A N   1 
ATOM   208 C  CA  . LEU A 1 27 ? -0.617  5.020   4.894   1.00 33.15 ? 25  LEU A CA  1 
ATOM   209 C  C   . LEU A 1 27 ? -1.257  6.160   4.116   1.00 33.22 ? 25  LEU A C   1 
ATOM   210 O  O   . LEU A 1 27 ? -1.559  6.002   2.933   1.00 31.60 ? 25  LEU A O   1 
ATOM   211 C  CB  . LEU A 1 27 ? -1.695  4.072   5.430   1.00 30.84 ? 25  LEU A CB  1 
ATOM   212 C  CG  . LEU A 1 27 ? -1.166  2.726   5.964   1.00 33.00 ? 25  LEU A CG  1 
ATOM   213 C  CD1 . LEU A 1 27 ? -2.338  1.876   6.409   1.00 29.86 ? 25  LEU A CD1 1 
ATOM   214 C  CD2 . LEU A 1 27 ? -0.363  1.993   4.890   1.00 29.15 ? 25  LEU A CD2 1 
ATOM   215 N  N   . ARG A 1 28 ? -1.463  7.309   4.758   1.00 34.83 ? 26  ARG A N   1 
ATOM   216 C  CA  . ARG A 1 28 ? -2.064  8.432   4.050   1.00 34.42 ? 26  ARG A CA  1 
ATOM   217 C  C   . ARG A 1 28 ? -1.138  8.898   2.937   1.00 34.90 ? 26  ARG A C   1 
ATOM   218 O  O   . ARG A 1 28 ? -1.590  9.199   1.831   1.00 34.44 ? 26  ARG A O   1 
ATOM   219 C  CB  . ARG A 1 28 ? -2.354  9.600   4.994   1.00 36.34 ? 26  ARG A CB  1 
ATOM   220 C  CG  . ARG A 1 28 ? -2.932  10.818  4.261   1.00 38.57 ? 26  ARG A CG  1 
ATOM   221 C  CD  . ARG A 1 28 ? -3.372  11.913  5.216   1.00 42.06 ? 26  ARG A CD  1 
ATOM   222 N  NE  . ARG A 1 28 ? -4.527  11.523  6.021   1.00 43.40 ? 26  ARG A NE  1 
ATOM   223 C  CZ  . ARG A 1 28 ? -5.757  11.364  5.543   1.00 44.82 ? 26  ARG A CZ  1 
ATOM   224 N  NH1 . ARG A 1 28 ? -6.004  11.562  4.256   1.00 47.29 ? 26  ARG A NH1 1 
ATOM   225 N  NH2 . ARG A 1 28 ? -6.738  11.001  6.354   1.00 44.25 ? 26  ARG A NH2 1 
ATOM   226 N  N   . LYS A 1 29 ? 0.158   8.956   3.220   1.00 34.25 ? 27  LYS A N   1 
ATOM   227 C  CA  . LYS A 1 29 ? 1.113   9.383   2.208   1.00 33.63 ? 27  LYS A CA  1 
ATOM   228 C  C   . LYS A 1 29 ? 1.110   8.444   1.012   1.00 33.72 ? 27  LYS A C   1 
ATOM   229 O  O   . LYS A 1 29 ? 1.413   8.854   -0.106  1.00 33.95 ? 27  LYS A O   1 
ATOM   230 C  CB  . LYS A 1 29 ? 2.511   9.494   2.811   1.00 35.12 ? 27  LYS A CB  1 
ATOM   231 C  CG  . LYS A 1 29 ? 2.641   10.718  3.701   1.00 39.44 ? 27  LYS A CG  1 
ATOM   232 C  CD  . LYS A 1 29 ? 4.060   10.946  4.153   1.00 39.91 ? 27  LYS A CD  1 
ATOM   233 C  CE  . LYS A 1 29 ? 4.167   12.253  4.926   1.00 43.84 ? 27  LYS A CE  1 
ATOM   234 N  NZ  . LYS A 1 29 ? 5.594   12.577  5.218   1.00 48.36 ? 27  LYS A NZ  1 
ATOM   235 N  N   . ILE A 1 30 ? 0.754   7.185   1.249   1.00 31.23 ? 28  ILE A N   1 
ATOM   236 C  CA  . ILE A 1 30 ? 0.686   6.201   0.174   1.00 30.71 ? 28  ILE A CA  1 
ATOM   237 C  C   . ILE A 1 30 ? -0.583  6.508   -0.641  1.00 29.93 ? 28  ILE A C   1 
ATOM   238 O  O   . ILE A 1 30 ? -0.556  6.473   -1.869  1.00 31.54 ? 28  ILE A O   1 
ATOM   239 C  CB  . ILE A 1 30 ? 0.622   4.747   0.743   1.00 30.69 ? 28  ILE A CB  1 
ATOM   240 C  CG1 . ILE A 1 30 ? 1.932   4.418   1.491   1.00 30.33 ? 28  ILE A CG1 1 
ATOM   241 C  CG2 . ILE A 1 30 ? 0.304   3.756   -0.357  1.00 29.49 ? 28  ILE A CG2 1 
ATOM   242 C  CD1 . ILE A 1 30 ? 3.225   4.861   0.780   1.00 31.84 ? 28  ILE A CD1 1 
ATOM   243 N  N   . ALA A 1 31 ? -1.686  6.810   0.045   1.00 31.21 ? 29  ALA A N   1 
ATOM   244 C  CA  . ALA A 1 31 ? -2.930  7.147   -0.641  1.00 30.91 ? 29  ALA A CA  1 
ATOM   245 C  C   . ALA A 1 31 ? -2.729  8.382   -1.537  1.00 32.82 ? 29  ALA A C   1 
ATOM   246 O  O   . ALA A 1 31 ? -3.198  8.416   -2.668  1.00 32.98 ? 29  ALA A O   1 
ATOM   247 C  CB  . ALA A 1 31 ? -4.041  7.400   0.373   1.00 28.22 ? 29  ALA A CB  1 
ATOM   248 N  N   . GLU A 1 32 ? -2.016  9.383   -1.034  1.00 32.86 ? 30  GLU A N   1 
ATOM   249 C  CA  . GLU A 1 32 ? -1.749  10.602  -1.803  1.00 34.13 ? 30  GLU A CA  1 
ATOM   250 C  C   . GLU A 1 32 ? -0.998  10.339  -3.118  1.00 34.84 ? 30  GLU A C   1 
ATOM   251 O  O   . GLU A 1 32 ? -1.079  11.131  -4.054  1.00 35.56 ? 30  GLU A O   1 
ATOM   252 C  CB  . GLU A 1 32 ? -0.919  11.582  -0.978  1.00 33.15 ? 30  GLU A CB  1 
ATOM   253 C  CG  . GLU A 1 32 ? -1.543  11.989  0.327   1.00 34.82 ? 30  GLU A CG  1 
ATOM   254 C  CD  . GLU A 1 32 ? -0.604  12.851  1.153   1.00 33.78 ? 30  GLU A CD  1 
ATOM   255 O  OE1 . GLU A 1 32 ? 0.608   12.877  0.844   1.00 35.00 ? 30  GLU A OE1 1 
ATOM   256 O  OE2 . GLU A 1 32 ? -1.082  13.488  2.110   1.00 36.57 ? 30  GLU A OE2 1 
ATOM   257 N  N   . LEU A 1 33 ? -0.248  9.246   -3.184  1.00 35.71 ? 31  LEU A N   1 
ATOM   258 C  CA  . LEU A 1 33 ? 0.497   8.934   -4.401  1.00 37.36 ? 31  LEU A CA  1 
ATOM   259 C  C   . LEU A 1 33 ? -0.351  8.168   -5.416  1.00 38.49 ? 31  LEU A C   1 
ATOM   260 O  O   . LEU A 1 33 ? 0.136   7.814   -6.493  1.00 38.44 ? 31  LEU A O   1 
ATOM   261 C  CB  . LEU A 1 33 ? 1.730   8.091   -4.073  1.00 38.58 ? 31  LEU A CB  1 
ATOM   262 C  CG  . LEU A 1 33 ? 2.788   8.634   -3.114  1.00 38.43 ? 31  LEU A CG  1 
ATOM   263 C  CD1 . LEU A 1 33 ? 3.678   7.490   -2.689  1.00 39.41 ? 31  LEU A CD1 1 
ATOM   264 C  CD2 . LEU A 1 33 ? 3.612   9.739   -3.784  1.00 38.94 ? 31  LEU A CD2 1 
HETATM 265 N  N   . MSE A 1 34 ? -1.620  7.934   -5.103  1.00 37.34 ? 32  MSE A N   1 
HETATM 266 C  CA  . MSE A 1 34 ? -2.443  7.152   -6.011  1.00 38.13 ? 32  MSE A CA  1 
HETATM 267 C  C   . MSE A 1 34 ? -3.651  7.777   -6.701  1.00 37.18 ? 32  MSE A C   1 
HETATM 268 O  O   . MSE A 1 34 ? -4.647  7.092   -6.930  1.00 37.51 ? 32  MSE A O   1 
HETATM 269 C  CB  . MSE A 1 34 ? -2.875  5.871   -5.295  1.00 40.28 ? 32  MSE A CB  1 
HETATM 270 C  CG  . MSE A 1 34 ? -1.696  5.023   -4.880  1.00 41.40 ? 32  MSE A CG  1 
HETATM 271 SE SE  . MSE A 1 34 ? -2.202  3.355   -4.080  1.00 48.22 ? 32  MSE A SE  1 
HETATM 272 C  CE  . MSE A 1 34 ? -2.719  2.424   -5.699  1.00 43.32 ? 32  MSE A CE  1 
ATOM   273 N  N   . PRO A 1 35 ? -3.582  9.068   -7.061  1.00 35.63 ? 33  PRO A N   1 
ATOM   274 C  CA  . PRO A 1 35 ? -4.737  9.677   -7.731  1.00 36.50 ? 33  PRO A CA  1 
ATOM   275 C  C   . PRO A 1 35 ? -5.017  8.961   -9.052  1.00 37.12 ? 33  PRO A C   1 
ATOM   276 O  O   . PRO A 1 35 ? -4.100  8.713   -9.836  1.00 36.06 ? 33  PRO A O   1 
ATOM   277 C  CB  . PRO A 1 35 ? -4.285  11.119  -7.955  1.00 36.54 ? 33  PRO A CB  1 
ATOM   278 C  CG  . PRO A 1 35 ? -3.319  11.344  -6.850  1.00 37.85 ? 33  PRO A CG  1 
ATOM   279 C  CD  . PRO A 1 35 ? -2.529  10.069  -6.847  1.00 36.77 ? 33  PRO A CD  1 
ATOM   280 N  N   . GLY A 1 36 ? -6.277  8.626   -9.291  1.00 36.89 ? 34  GLY A N   1 
ATOM   281 C  CA  . GLY A 1 36 ? -6.632  7.946   -10.522 1.00 36.48 ? 34  GLY A CA  1 
ATOM   282 C  C   . GLY A 1 36 ? -6.506  6.431   -10.463 1.00 38.33 ? 34  GLY A C   1 
ATOM   283 O  O   . GLY A 1 36 ? -6.628  5.761   -11.490 1.00 38.87 ? 34  GLY A O   1 
ATOM   284 N  N   . ALA A 1 37 ? -6.255  5.885   -9.276  1.00 37.31 ? 35  ALA A N   1 
ATOM   285 C  CA  . ALA A 1 37 ? -6.135  4.439   -9.127  1.00 37.12 ? 35  ALA A CA  1 
ATOM   286 C  C   . ALA A 1 37 ? -7.489  3.810   -8.822  1.00 38.72 ? 35  ALA A C   1 
ATOM   287 O  O   . ALA A 1 37 ? -8.306  4.376   -8.090  1.00 38.07 ? 35  ALA A O   1 
ATOM   288 C  CB  . ALA A 1 37 ? -5.147  4.094   -8.012  1.00 34.28 ? 35  ALA A CB  1 
ATOM   289 N  N   . SER A 1 38 ? -7.728  2.635   -9.391  1.00 39.17 ? 36  SER A N   1 
ATOM   290 C  CA  . SER A 1 38 ? -8.978  1.933   -9.149  1.00 39.86 ? 36  SER A CA  1 
ATOM   291 C  C   . SER A 1 38 ? -8.833  1.334   -7.763  1.00 40.31 ? 36  SER A C   1 
ATOM   292 O  O   . SER A 1 38 ? -7.717  1.208   -7.260  1.00 42.40 ? 36  SER A O   1 
ATOM   293 C  CB  . SER A 1 38 ? -9.174  0.809   -10.171 1.00 41.25 ? 36  SER A CB  1 
ATOM   294 O  OG  . SER A 1 38 ? -8.235  -0.234  -9.958  1.00 42.14 ? 36  SER A OG  1 
ATOM   295 N  N   . GLY A 1 39 ? -9.952  0.974   -7.148  1.00 39.89 ? 37  GLY A N   1 
ATOM   296 C  CA  . GLY A 1 39 ? -9.910  0.385   -5.823  1.00 39.57 ? 37  GLY A CA  1 
ATOM   297 C  C   . GLY A 1 39 ? -9.084  -0.887  -5.806  1.00 39.73 ? 37  GLY A C   1 
ATOM   298 O  O   . GLY A 1 39 ? -8.435  -1.204  -4.809  1.00 37.95 ? 37  GLY A O   1 
ATOM   299 N  N   . ALA A 1 40 ? -9.108  -1.612  -6.920  1.00 39.11 ? 38  ALA A N   1 
ATOM   300 C  CA  . ALA A 1 40 ? -8.360  -2.854  -7.036  1.00 40.44 ? 38  ALA A CA  1 
ATOM   301 C  C   . ALA A 1 40 ? -6.860  -2.580  -7.013  1.00 39.82 ? 38  ALA A C   1 
ATOM   302 O  O   . ALA A 1 40 ? -6.099  -3.324  -6.404  1.00 41.54 ? 38  ALA A O   1 
ATOM   303 C  CB  . ALA A 1 40 ? -8.747  -3.576  -8.323  1.00 39.13 ? 38  ALA A CB  1 
ATOM   304 N  N   . GLU A 1 41 ? -6.435  -1.513  -7.680  1.00 41.33 ? 39  GLU A N   1 
ATOM   305 C  CA  . GLU A 1 41 ? -5.020  -1.160  -7.704  1.00 39.21 ? 39  GLU A CA  1 
ATOM   306 C  C   . GLU A 1 41 ? -4.531  -0.782  -6.310  1.00 38.13 ? 39  GLU A C   1 
ATOM   307 O  O   . GLU A 1 41 ? -3.378  -1.030  -5.970  1.00 38.65 ? 39  GLU A O   1 
ATOM   308 C  CB  . GLU A 1 41 ? -4.769  -0.002  -8.667  1.00 41.71 ? 39  GLU A CB  1 
ATOM   309 C  CG  . GLU A 1 41 ? -4.922  -0.371  -10.138 1.00 40.65 ? 39  GLU A CG  1 
ATOM   310 C  CD  . GLU A 1 41 ? -4.751  0.825   -11.047 1.00 40.06 ? 39  GLU A CD  1 
ATOM   311 O  OE1 . GLU A 1 41 ? -5.506  1.803   -10.882 1.00 43.96 ? 39  GLU A OE1 1 
ATOM   312 O  OE2 . GLU A 1 41 ? -3.857  0.789   -11.919 1.00 44.01 ? 39  GLU A OE2 1 
ATOM   313 N  N   . VAL A 1 42 ? -5.404  -0.176  -5.509  1.00 36.46 ? 40  VAL A N   1 
ATOM   314 C  CA  . VAL A 1 42 ? -5.029  0.203   -4.154  1.00 35.10 ? 40  VAL A CA  1 
ATOM   315 C  C   . VAL A 1 42 ? -4.798  -1.089  -3.370  1.00 38.02 ? 40  VAL A C   1 
ATOM   316 O  O   . VAL A 1 42 ? -3.828  -1.208  -2.625  1.00 38.40 ? 40  VAL A O   1 
ATOM   317 C  CB  . VAL A 1 42 ? -6.135  1.051   -3.456  1.00 34.51 ? 40  VAL A CB  1 
ATOM   318 C  CG1 . VAL A 1 42 ? -5.654  1.505   -2.083  1.00 30.62 ? 40  VAL A CG1 1 
ATOM   319 C  CG2 . VAL A 1 42 ? -6.485  2.268   -4.312  1.00 29.54 ? 40  VAL A CG2 1 
ATOM   320 N  N   . LYS A 1 43 ? -5.688  -2.062  -3.549  1.00 39.94 ? 41  LYS A N   1 
ATOM   321 C  CA  . LYS A 1 43 ? -5.550  -3.345  -2.863  1.00 40.17 ? 41  LYS A CA  1 
ATOM   322 C  C   . LYS A 1 43 ? -4.246  -4.009  -3.295  1.00 39.71 ? 41  LYS A C   1 
ATOM   323 O  O   . LYS A 1 43 ? -3.540  -4.604  -2.481  1.00 37.58 ? 41  LYS A O   1 
ATOM   324 C  CB  . LYS A 1 43 ? -6.723  -4.268  -3.199  1.00 41.91 ? 41  LYS A CB  1 
ATOM   325 C  CG  . LYS A 1 43 ? -6.633  -5.626  -2.520  1.00 45.16 ? 41  LYS A CG  1 
ATOM   326 C  CD  . LYS A 1 43 ? -7.775  -6.528  -2.926  1.00 47.74 ? 41  LYS A CD  1 
ATOM   327 C  CE  . LYS A 1 43 ? -7.733  -7.835  -2.145  1.00 49.58 ? 41  LYS A CE  1 
ATOM   328 N  NZ  . LYS A 1 43 ? -6.450  -8.563  -2.334  1.00 48.90 ? 41  LYS A NZ  1 
ATOM   329 N  N   . GLY A 1 44 ? -3.945  -3.892  -4.586  1.00 40.32 ? 42  GLY A N   1 
ATOM   330 C  CA  . GLY A 1 44 ? -2.732  -4.465  -5.137  1.00 40.00 ? 42  GLY A CA  1 
ATOM   331 C  C   . GLY A 1 44 ? -1.474  -3.889  -4.508  1.00 40.63 ? 42  GLY A C   1 
ATOM   332 O  O   . GLY A 1 44 ? -0.490  -4.603  -4.313  1.00 41.70 ? 42  GLY A O   1 
ATOM   333 N  N   . VAL A 1 45 ? -1.500  -2.597  -4.201  1.00 38.94 ? 43  VAL A N   1 
ATOM   334 C  CA  . VAL A 1 45 ? -0.364  -1.943  -3.576  1.00 36.06 ? 43  VAL A CA  1 
ATOM   335 C  C   . VAL A 1 45 ? -0.098  -2.556  -2.212  1.00 37.14 ? 43  VAL A C   1 
ATOM   336 O  O   . VAL A 1 45 ? 1.054   -2.666  -1.796  1.00 37.56 ? 43  VAL A O   1 
ATOM   337 C  CB  . VAL A 1 45 ? -0.603  -0.418  -3.422  1.00 35.10 ? 43  VAL A CB  1 
ATOM   338 C  CG1 . VAL A 1 45 ? 0.424   0.196   -2.476  1.00 31.82 ? 43  VAL A CG1 1 
ATOM   339 C  CG2 . VAL A 1 45 ? -0.492  0.249   -4.777  1.00 31.85 ? 43  VAL A CG2 1 
ATOM   340 N  N   . CYS A 1 46 ? -1.157  -2.955  -1.513  1.00 38.51 ? 44  CYS A N   1 
ATOM   341 C  CA  . CYS A 1 46 ? -0.995  -3.564  -0.200  1.00 38.57 ? 44  CYS A CA  1 
ATOM   342 C  C   . CYS A 1 46 ? -0.353  -4.931  -0.325  1.00 38.37 ? 44  CYS A C   1 
ATOM   343 O  O   . CYS A 1 46 ? 0.634   -5.225  0.347   1.00 39.25 ? 44  CYS A O   1 
ATOM   344 C  CB  . CYS A 1 46 ? -2.342  -3.720  0.504   1.00 41.87 ? 44  CYS A CB  1 
ATOM   345 S  SG  . CYS A 1 46 ? -3.148  -2.181  0.922   1.00 43.84 ? 44  CYS A SG  1 
ATOM   346 N  N   . THR A 1 47 ? -0.922  -5.763  -1.192  1.00 35.67 ? 45  THR A N   1 
ATOM   347 C  CA  . THR A 1 47 ? -0.417  -7.112  -1.396  1.00 35.81 ? 45  THR A CA  1 
ATOM   348 C  C   . THR A 1 47 ? 0.989   -7.094  -1.975  1.00 35.43 ? 45  THR A C   1 
ATOM   349 O  O   . THR A 1 47 ? 1.828   -7.893  -1.575  1.00 36.66 ? 45  THR A O   1 
ATOM   350 C  CB  . THR A 1 47 ? -1.358  -7.935  -2.313  1.00 34.83 ? 45  THR A CB  1 
ATOM   351 O  OG1 . THR A 1 47 ? -1.287  -7.446  -3.652  1.00 38.83 ? 45  THR A OG1 1 
ATOM   352 C  CG2 . THR A 1 47 ? -2.798  -7.825  -1.822  1.00 33.51 ? 45  THR A CG2 1 
ATOM   353 N  N   . GLU A 1 48 ? 1.249   -6.178  -2.906  1.00 34.55 ? 46  GLU A N   1 
ATOM   354 C  CA  . GLU A 1 48 ? 2.575   -6.058  -3.510  1.00 34.23 ? 46  GLU A CA  1 
ATOM   355 C  C   . GLU A 1 48 ? 3.607   -5.576  -2.500  1.00 32.90 ? 46  GLU A C   1 
ATOM   356 O  O   . GLU A 1 48 ? 4.778   -5.910  -2.609  1.00 33.83 ? 46  GLU A O   1 
ATOM   357 C  CB  . GLU A 1 48 ? 2.562   -5.086  -4.694  1.00 36.13 ? 46  GLU A CB  1 
ATOM   358 C  CG  . GLU A 1 48 ? 2.136   -5.690  -6.015  1.00 41.73 ? 46  GLU A CG  1 
ATOM   359 C  CD  . GLU A 1 48 ? 2.974   -6.899  -6.406  1.00 46.08 ? 46  GLU A CD  1 
ATOM   360 O  OE1 . GLU A 1 48 ? 4.220   -6.831  -6.314  1.00 52.63 ? 46  GLU A OE1 1 
ATOM   361 O  OE2 . GLU A 1 48 ? 2.387   -7.917  -6.815  1.00 48.65 ? 46  GLU A OE2 1 
ATOM   362 N  N   . ALA A 1 49 ? 3.175   -4.774  -1.528  1.00 32.49 ? 47  ALA A N   1 
ATOM   363 C  CA  . ALA A 1 49 ? 4.089   -4.283  -0.501  1.00 32.41 ? 47  ALA A CA  1 
ATOM   364 C  C   . ALA A 1 49 ? 4.472   -5.467  0.385   1.00 32.39 ? 47  ALA A C   1 
ATOM   365 O  O   . ALA A 1 49 ? 5.615   -5.594  0.823   1.00 31.59 ? 47  ALA A O   1 
ATOM   366 C  CB  . ALA A 1 49 ? 3.424   -3.208  0.326   1.00 29.43 ? 47  ALA A CB  1 
ATOM   367 N  N   . GLY A 1 50 ? 3.499   -6.335  0.636   1.00 33.07 ? 48  GLY A N   1 
ATOM   368 C  CA  . GLY A 1 50 ? 3.747   -7.509  1.449   1.00 32.70 ? 48  GLY A CA  1 
ATOM   369 C  C   . GLY A 1 50 ? 4.730   -8.430  0.759   1.00 32.99 ? 48  GLY A C   1 
ATOM   370 O  O   . GLY A 1 50 ? 5.606   -8.994  1.409   1.00 32.89 ? 48  GLY A O   1 
HETATM 371 N  N   . MSE A 1 51 ? 4.579   -8.578  -0.555  1.00 34.49 ? 49  MSE A N   1 
HETATM 372 C  CA  . MSE A 1 51 ? 5.459   -9.423  -1.358  1.00 35.57 ? 49  MSE A CA  1 
HETATM 373 C  C   . MSE A 1 51 ? 6.907   -8.928  -1.329  1.00 36.52 ? 49  MSE A C   1 
HETATM 374 O  O   . MSE A 1 51 ? 7.840   -9.733  -1.359  1.00 37.39 ? 49  MSE A O   1 
HETATM 375 C  CB  . MSE A 1 51 ? 4.976   -9.471  -2.810  1.00 39.75 ? 49  MSE A CB  1 
HETATM 376 C  CG  . MSE A 1 51 ? 3.610   -10.109 -3.007  1.00 46.89 ? 49  MSE A CG  1 
HETATM 377 SE SE  . MSE A 1 51 ? 3.542   -11.949 -2.400  1.00 60.16 ? 49  MSE A SE  1 
HETATM 378 C  CE  . MSE A 1 51 ? 2.767   -11.652 -0.648  1.00 50.59 ? 49  MSE A CE  1 
ATOM   379 N  N   . TYR A 1 52 ? 7.103   -7.609  -1.297  1.00 36.82 ? 50  TYR A N   1 
ATOM   380 C  CA  . TYR A 1 52 ? 8.463   -7.061  -1.239  1.00 35.86 ? 50  TYR A CA  1 
ATOM   381 C  C   . TYR A 1 52 ? 9.088   -7.463  0.085   1.00 35.34 ? 50  TYR A C   1 
ATOM   382 O  O   . TYR A 1 52 ? 10.292  -7.700  0.173   1.00 39.09 ? 50  TYR A O   1 
ATOM   383 C  CB  . TYR A 1 52 ? 8.456   -5.532  -1.352  1.00 35.55 ? 50  TYR A CB  1 
ATOM   384 C  CG  . TYR A 1 52 ? 8.439   -5.010  -2.769  1.00 33.29 ? 50  TYR A CG  1 
ATOM   385 C  CD1 . TYR A 1 52 ? 7.461   -4.105  -3.192  1.00 32.10 ? 50  TYR A CD1 1 
ATOM   386 C  CD2 . TYR A 1 52 ? 9.411   -5.408  -3.685  1.00 34.89 ? 50  TYR A CD2 1 
ATOM   387 C  CE1 . TYR A 1 52 ? 7.455   -3.606  -4.493  1.00 30.78 ? 50  TYR A CE1 1 
ATOM   388 C  CE2 . TYR A 1 52 ? 9.419   -4.919  -4.988  1.00 34.64 ? 50  TYR A CE2 1 
ATOM   389 C  CZ  . TYR A 1 52 ? 8.436   -4.019  -5.387  1.00 36.78 ? 50  TYR A CZ  1 
ATOM   390 O  OH  . TYR A 1 52 ? 8.452   -3.544  -6.683  1.00 38.75 ? 50  TYR A OH  1 
ATOM   391 N  N   . ALA A 1 53 ? 8.259   -7.541  1.117   1.00 35.58 ? 51  ALA A N   1 
ATOM   392 C  CA  . ALA A 1 53 ? 8.742   -7.934  2.431   1.00 37.37 ? 51  ALA A CA  1 
ATOM   393 C  C   . ALA A 1 53 ? 9.130   -9.415  2.401   1.00 40.16 ? 51  ALA A C   1 
ATOM   394 O  O   . ALA A 1 53 ? 10.259  -9.771  2.730   1.00 39.87 ? 51  ALA A O   1 
ATOM   395 C  CB  . ALA A 1 53 ? 7.672   -7.688  3.469   1.00 32.54 ? 51  ALA A CB  1 
ATOM   396 N  N   . LEU A 1 54 ? 8.194   -10.272 1.996   1.00 43.00 ? 52  LEU A N   1 
ATOM   397 C  CA  . LEU A 1 54 ? 8.465   -11.709 1.926   1.00 45.84 ? 52  LEU A CA  1 
ATOM   398 C  C   . LEU A 1 54 ? 9.693   -12.011 1.073   1.00 47.10 ? 52  LEU A C   1 
ATOM   399 O  O   . LEU A 1 54 ? 10.500  -12.880 1.414   1.00 47.83 ? 52  LEU A O   1 
ATOM   400 C  CB  . LEU A 1 54 ? 7.259   -12.457 1.354   1.00 45.25 ? 52  LEU A CB  1 
ATOM   401 C  CG  . LEU A 1 54 ? 6.002   -12.562 2.216   1.00 44.62 ? 52  LEU A CG  1 
ATOM   402 C  CD1 . LEU A 1 54 ? 4.909   -13.229 1.402   1.00 45.27 ? 52  LEU A CD1 1 
ATOM   403 C  CD2 . LEU A 1 54 ? 6.287   -13.357 3.481   1.00 44.54 ? 52  LEU A CD2 1 
ATOM   404 N  N   . ARG A 1 55 ? 9.823   -11.298 -0.043  1.00 48.60 ? 53  ARG A N   1 
ATOM   405 C  CA  . ARG A 1 55 ? 10.955  -11.473 -0.947  1.00 50.31 ? 53  ARG A CA  1 
ATOM   406 C  C   . ARG A 1 55 ? 12.277  -11.268 -0.208  1.00 50.85 ? 53  ARG A C   1 
ATOM   407 O  O   . ARG A 1 55 ? 13.305  -11.830 -0.592  1.00 50.52 ? 53  ARG A O   1 
ATOM   408 C  CB  . ARG A 1 55 ? 10.861  -10.475 -2.109  1.00 53.30 ? 53  ARG A CB  1 
ATOM   409 C  CG  . ARG A 1 55 ? 12.069  -10.501 -3.039  1.00 57.96 ? 53  ARG A CG  1 
ATOM   410 C  CD  . ARG A 1 55 ? 12.137  -9.278  -3.951  1.00 60.12 ? 53  ARG A CD  1 
ATOM   411 N  NE  . ARG A 1 55 ? 11.091  -9.261  -4.972  1.00 63.40 ? 53  ARG A NE  1 
ATOM   412 C  CZ  . ARG A 1 55 ? 10.957  -8.301  -5.886  1.00 64.04 ? 53  ARG A CZ  1 
ATOM   413 N  NH1 . ARG A 1 55 ? 11.803  -7.278  -5.905  1.00 65.09 ? 53  ARG A NH1 1 
ATOM   414 N  NH2 . ARG A 1 55 ? 9.984   -8.361  -6.783  1.00 62.93 ? 53  ARG A NH2 1 
ATOM   415 N  N   . GLU A 1 56 ? 12.247  -10.460 0.849   1.00 51.45 ? 54  GLU A N   1 
ATOM   416 C  CA  . GLU A 1 56 ? 13.442  -10.177 1.639   1.00 51.66 ? 54  GLU A CA  1 
ATOM   417 C  C   . GLU A 1 56 ? 13.452  -10.927 2.961   1.00 52.49 ? 54  GLU A C   1 
ATOM   418 O  O   . GLU A 1 56 ? 14.221  -10.596 3.863   1.00 53.47 ? 54  GLU A O   1 
ATOM   419 C  CB  . GLU A 1 56 ? 13.571  -8.674  1.905   1.00 51.74 ? 54  GLU A CB  1 
ATOM   420 C  CG  . GLU A 1 56 ? 14.393  -7.937  0.857   1.00 54.54 ? 54  GLU A CG  1 
ATOM   421 C  CD  . GLU A 1 56 ? 14.669  -6.493  1.231   1.00 55.79 ? 54  GLU A CD  1 
ATOM   422 O  OE1 . GLU A 1 56 ? 14.953  -6.224  2.419   1.00 57.11 ? 54  GLU A OE1 1 
ATOM   423 O  OE2 . GLU A 1 56 ? 14.620  -5.625  0.334   1.00 56.54 ? 54  GLU A OE2 1 
ATOM   424 N  N   . ARG A 1 57 ? 12.596  -11.937 3.071   1.00 52.80 ? 55  ARG A N   1 
ATOM   425 C  CA  . ARG A 1 57 ? 12.517  -12.744 4.280   1.00 52.16 ? 55  ARG A CA  1 
ATOM   426 C  C   . ARG A 1 57 ? 12.166  -11.862 5.473   1.00 50.90 ? 55  ARG A C   1 
ATOM   427 O  O   . ARG A 1 57 ? 12.691  -12.049 6.571   1.00 49.37 ? 55  ARG A O   1 
ATOM   428 C  CB  . ARG A 1 57 ? 13.862  -13.432 4.530   1.00 56.50 ? 55  ARG A CB  1 
ATOM   429 C  CG  . ARG A 1 57 ? 14.526  -13.972 3.271   1.00 61.71 ? 55  ARG A CG  1 
ATOM   430 C  CD  . ARG A 1 57 ? 13.831  -15.223 2.773   1.00 66.77 ? 55  ARG A CD  1 
ATOM   431 N  NE  . ARG A 1 57 ? 14.222  -15.581 1.407   1.00 72.76 ? 55  ARG A NE  1 
ATOM   432 C  CZ  . ARG A 1 57 ? 13.696  -15.046 0.307   1.00 74.87 ? 55  ARG A CZ  1 
ATOM   433 N  NH1 . ARG A 1 57 ? 12.749  -14.121 0.403   1.00 75.90 ? 55  ARG A NH1 1 
ATOM   434 N  NH2 . ARG A 1 57 ? 14.113  -15.438 -0.893  1.00 75.33 ? 55  ARG A NH2 1 
ATOM   435 N  N   . ARG A 1 58 ? 11.282  -10.896 5.253   1.00 49.26 ? 56  ARG A N   1 
ATOM   436 C  CA  . ARG A 1 58 ? 10.859  -9.988  6.317   1.00 47.40 ? 56  ARG A CA  1 
ATOM   437 C  C   . ARG A 1 58 ? 9.375   -10.144 6.611   1.00 46.38 ? 56  ARG A C   1 
ATOM   438 O  O   . ARG A 1 58 ? 8.562   -10.249 5.693   1.00 47.33 ? 56  ARG A O   1 
ATOM   439 C  CB  . ARG A 1 58 ? 11.120  -8.528  5.924   1.00 45.94 ? 56  ARG A CB  1 
ATOM   440 C  CG  . ARG A 1 58 ? 12.578  -8.132  5.869   1.00 43.99 ? 56  ARG A CG  1 
ATOM   441 C  CD  . ARG A 1 58 ? 12.752  -6.619  5.751   1.00 39.83 ? 56  ARG A CD  1 
ATOM   442 N  NE  . ARG A 1 58 ? 12.530  -6.101  4.404   1.00 36.47 ? 56  ARG A NE  1 
ATOM   443 C  CZ  . ARG A 1 58 ? 11.385  -5.592  3.955   1.00 36.26 ? 56  ARG A CZ  1 
ATOM   444 N  NH1 . ARG A 1 58 ? 10.320  -5.525  4.740   1.00 37.12 ? 56  ARG A NH1 1 
ATOM   445 N  NH2 . ARG A 1 58 ? 11.313  -5.122  2.717   1.00 36.39 ? 56  ARG A NH2 1 
ATOM   446 N  N   . VAL A 1 59 ? 9.023   -10.154 7.892   1.00 45.10 ? 57  VAL A N   1 
ATOM   447 C  CA  . VAL A 1 59 ? 7.626   -10.268 8.280   1.00 44.89 ? 57  VAL A CA  1 
ATOM   448 C  C   . VAL A 1 59 ? 7.020   -8.871  8.428   1.00 42.98 ? 57  VAL A C   1 
ATOM   449 O  O   . VAL A 1 59 ? 5.812   -8.699  8.309   1.00 44.34 ? 57  VAL A O   1 
ATOM   450 C  CB  . VAL A 1 59 ? 7.471   -11.031 9.614   1.00 46.19 ? 57  VAL A CB  1 
ATOM   451 C  CG1 . VAL A 1 59 ? 8.123   -10.244 10.739  1.00 50.26 ? 57  VAL A CG1 1 
ATOM   452 C  CG2 . VAL A 1 59 ? 6.003   -11.269 9.906   1.00 44.97 ? 57  VAL A CG2 1 
ATOM   453 N  N   . HIS A 1 60 ? 7.875   -7.881  8.685   1.00 41.72 ? 58  HIS A N   1 
ATOM   454 C  CA  . HIS A 1 60 ? 7.438   -6.497  8.854   0.50 39.04 ? 58  HIS A CA  1 
ATOM   455 C  C   . HIS A 1 60 ? 7.548   -5.715  7.545   1.00 38.04 ? 58  HIS A C   1 
ATOM   456 O  O   . HIS A 1 60 ? 8.590   -5.708  6.893   1.00 36.53 ? 58  HIS A O   1 
ATOM   457 C  CB  . HIS A 1 60 ? 8.267   -5.807  9.946   0.50 39.27 ? 58  HIS A CB  1 
ATOM   458 C  CG  . HIS A 1 60 ? 9.731   -5.745  9.643   0.50 38.19 ? 58  HIS A CG  1 
ATOM   459 N  ND1 . HIS A 1 60 ? 10.257  -4.901  8.692   0.50 39.14 ? 58  HIS A ND1 1 
ATOM   460 C  CD2 . HIS A 1 60 ? 10.774  -6.454  10.137  0.50 39.00 ? 58  HIS A CD2 1 
ATOM   461 C  CE1 . HIS A 1 60 ? 11.566  -5.091  8.611   0.50 38.58 ? 58  HIS A CE1 1 
ATOM   462 N  NE2 . HIS A 1 60 ? 11.901  -6.027  9.476   0.50 39.12 ? 58  HIS A NE2 1 
ATOM   463 N  N   . VAL A 1 61 ? 6.451   -5.062  7.175   1.00 38.37 ? 59  VAL A N   1 
ATOM   464 C  CA  . VAL A 1 61 ? 6.380   -4.276  5.951   1.00 37.49 ? 59  VAL A CA  1 
ATOM   465 C  C   . VAL A 1 61 ? 6.730   -2.819  6.253   1.00 36.38 ? 59  VAL A C   1 
ATOM   466 O  O   . VAL A 1 61 ? 6.257   -2.256  7.236   1.00 38.47 ? 59  VAL A O   1 
ATOM   467 C  CB  . VAL A 1 61 ? 4.961   -4.356  5.339   1.00 37.64 ? 59  VAL A CB  1 
ATOM   468 C  CG1 . VAL A 1 61 ? 4.909   -3.604  4.017   1.00 42.09 ? 59  VAL A CG1 1 
ATOM   469 C  CG2 . VAL A 1 61 ? 4.576   -5.812  5.122   1.00 37.78 ? 59  VAL A CG2 1 
ATOM   470 N  N   . THR A 1 62 ? 7.545   -2.214  5.390   1.00 35.97 ? 60  THR A N   1 
ATOM   471 C  CA  . THR A 1 62 ? 7.987   -0.830  5.563   1.00 33.92 ? 60  THR A CA  1 
ATOM   472 C  C   . THR A 1 62 ? 7.377   0.180   4.589   1.00 33.69 ? 60  THR A C   1 
ATOM   473 O  O   . THR A 1 62 ? 6.752   -0.177  3.584   1.00 30.94 ? 60  THR A O   1 
ATOM   474 C  CB  . THR A 1 62 ? 9.508   -0.730  5.405   1.00 33.67 ? 60  THR A CB  1 
ATOM   475 O  OG1 . THR A 1 62 ? 9.863   -1.051  4.057   1.00 36.17 ? 60  THR A OG1 1 
ATOM   476 C  CG2 . THR A 1 62 ? 10.211  -1.693  6.342   1.00 36.81 ? 60  THR A CG2 1 
ATOM   477 N  N   . GLN A 1 63 ? 7.593   1.456   4.887   1.00 33.54 ? 61  GLN A N   1 
ATOM   478 C  CA  . GLN A 1 63 ? 7.102   2.526   4.037   1.00 32.09 ? 61  GLN A CA  1 
ATOM   479 C  C   . GLN A 1 63 ? 7.724   2.350   2.660   1.00 29.80 ? 61  GLN A C   1 
ATOM   480 O  O   . GLN A 1 63 ? 7.084   2.616   1.650   1.00 33.10 ? 61  GLN A O   1 
ATOM   481 C  CB  . GLN A 1 63 ? 7.499   3.893   4.613   1.00 33.30 ? 61  GLN A CB  1 
ATOM   482 C  CG  . GLN A 1 63 ? 6.873   5.090   3.903   1.00 32.91 ? 61  GLN A CG  1 
ATOM   483 C  CD  . GLN A 1 63 ? 5.365   5.176   4.104   1.00 33.09 ? 61  GLN A CD  1 
ATOM   484 O  OE1 . GLN A 1 63 ? 4.802   4.493   4.956   1.00 36.67 ? 61  GLN A OE1 1 
ATOM   485 N  NE2 . GLN A 1 63 ? 4.707   6.034   3.325   1.00 30.66 ? 61  GLN A NE2 1 
ATOM   486 N  N   . GLU A 1 64 ? 8.969   1.886   2.607   1.00 30.10 ? 62  GLU A N   1 
ATOM   487 C  CA  . GLU A 1 64 ? 9.625   1.704   1.316   1.00 30.19 ? 62  GLU A CA  1 
ATOM   488 C  C   . GLU A 1 64 ? 8.950   0.600   0.490   1.00 30.84 ? 62  GLU A C   1 
ATOM   489 O  O   . GLU A 1 64 ? 8.828   0.729   -0.731  1.00 30.52 ? 62  GLU A O   1 
ATOM   490 C  CB  . GLU A 1 64 ? 11.122  1.413   1.484   1.00 32.52 ? 62  GLU A CB  1 
ATOM   491 C  CG  . GLU A 1 64 ? 11.886  1.473   0.154   1.00 38.09 ? 62  GLU A CG  1 
ATOM   492 C  CD  . GLU A 1 64 ? 13.399  1.419   0.307   1.00 41.15 ? 62  GLU A CD  1 
ATOM   493 O  OE1 . GLU A 1 64 ? 13.953  0.308   0.452   1.00 44.49 ? 62  GLU A OE1 1 
ATOM   494 O  OE2 . GLU A 1 64 ? 14.041  2.494   0.275   1.00 45.82 ? 62  GLU A OE2 1 
ATOM   495 N  N   . ASP A 1 65 ? 8.510   -0.472  1.154   1.00 29.80 ? 63  ASP A N   1 
ATOM   496 C  CA  . ASP A 1 65 ? 7.819   -1.565  0.461   1.00 28.92 ? 63  ASP A CA  1 
ATOM   497 C  C   . ASP A 1 65 ? 6.592   -0.968  -0.225  1.00 28.79 ? 63  ASP A C   1 
ATOM   498 O  O   . ASP A 1 65 ? 6.323   -1.218  -1.407  1.00 27.65 ? 63  ASP A O   1 
ATOM   499 C  CB  . ASP A 1 65 ? 7.367   -2.653  1.453   1.00 29.16 ? 63  ASP A CB  1 
ATOM   500 C  CG  . ASP A 1 65 ? 8.536   -3.436  2.046   1.00 29.32 ? 63  ASP A CG  1 
ATOM   501 O  OD1 . ASP A 1 65 ? 9.547   -3.625  1.343   1.00 28.72 ? 63  ASP A OD1 1 
ATOM   502 O  OD2 . ASP A 1 65 ? 8.437   -3.877  3.218   1.00 30.59 ? 63  ASP A OD2 1 
ATOM   503 N  N   . PHE A 1 66 ? 5.850   -0.170  0.535   1.00 29.66 ? 64  PHE A N   1 
ATOM   504 C  CA  . PHE A 1 66 ? 4.659   0.492   0.019   1.00 32.70 ? 64  PHE A CA  1 
ATOM   505 C  C   . PHE A 1 66 ? 4.993   1.459   -1.120  1.00 33.40 ? 64  PHE A C   1 
ATOM   506 O  O   . PHE A 1 66 ? 4.319   1.478   -2.149  1.00 35.01 ? 64  PHE A O   1 
ATOM   507 C  CB  . PHE A 1 66 ? 3.930   1.236   1.151   1.00 33.48 ? 64  PHE A CB  1 
ATOM   508 C  CG  . PHE A 1 66 ? 2.972   0.373   1.932   1.00 30.93 ? 64  PHE A CG  1 
ATOM   509 C  CD1 . PHE A 1 66 ? 3.373   -0.273  3.095   1.00 33.13 ? 64  PHE A CD1 1 
ATOM   510 C  CD2 . PHE A 1 66 ? 1.669   0.196   1.485   1.00 30.82 ? 64  PHE A CD2 1 
ATOM   511 C  CE1 . PHE A 1 66 ? 2.484   -1.083  3.803   1.00 33.78 ? 64  PHE A CE1 1 
ATOM   512 C  CE2 . PHE A 1 66 ? 0.776   -0.608  2.180   1.00 30.15 ? 64  PHE A CE2 1 
ATOM   513 C  CZ  . PHE A 1 66 ? 1.182   -1.250  3.339   1.00 31.47 ? 64  PHE A CZ  1 
ATOM   514 N  N   . GLU A 1 67 ? 6.037   2.257   -0.940  1.00 34.54 ? 65  GLU A N   1 
ATOM   515 C  CA  . GLU A 1 67 ? 6.448   3.207   -1.968  1.00 35.92 ? 65  GLU A CA  1 
ATOM   516 C  C   . GLU A 1 67 ? 6.795   2.472   -3.265  1.00 36.08 ? 65  GLU A C   1 
ATOM   517 O  O   . GLU A 1 67 ? 6.360   2.861   -4.357  1.00 35.38 ? 65  GLU A O   1 
ATOM   518 C  CB  . GLU A 1 67 ? 7.648   4.030   -1.471  1.00 38.51 ? 65  GLU A CB  1 
ATOM   519 C  CG  . GLU A 1 67 ? 7.275   5.025   -0.361  1.00 41.32 ? 65  GLU A CG  1 
ATOM   520 C  CD  . GLU A 1 67 ? 8.473   5.635   0.373   1.00 45.37 ? 65  GLU A CD  1 
ATOM   521 O  OE1 . GLU A 1 67 ? 8.245   6.470   1.273   1.00 45.77 ? 65  GLU A OE1 1 
ATOM   522 O  OE2 . GLU A 1 67 ? 9.635   5.287   0.074   1.00 43.78 ? 65  GLU A OE2 1 
HETATM 523 N  N   . MSE A 1 68 ? 7.572   1.400   -3.146  1.00 34.97 ? 66  MSE A N   1 
HETATM 524 C  CA  . MSE A 1 68 ? 7.954   0.624   -4.314  1.00 34.87 ? 66  MSE A CA  1 
HETATM 525 C  C   . MSE A 1 68 ? 6.745   -0.042  -4.962  1.00 33.09 ? 66  MSE A C   1 
HETATM 526 O  O   . MSE A 1 68 ? 6.670   -0.150  -6.183  1.00 33.49 ? 66  MSE A O   1 
HETATM 527 C  CB  . MSE A 1 68 ? 8.995   -0.426  -3.923  1.00 37.42 ? 66  MSE A CB  1 
HETATM 528 C  CG  . MSE A 1 68 ? 10.286  0.184   -3.412  1.00 43.54 ? 66  MSE A CG  1 
HETATM 529 SE SE  . MSE A 1 68 ? 11.739  -1.089  -3.251  1.00 53.70 ? 66  MSE A SE  1 
HETATM 530 C  CE  . MSE A 1 68 ? 11.124  -2.108  -1.712  1.00 50.67 ? 66  MSE A CE  1 
ATOM   531 N  N   . ALA A 1 69 ? 5.794   -0.481  -4.147  1.00 33.25 ? 67  ALA A N   1 
ATOM   532 C  CA  . ALA A 1 69 ? 4.592   -1.133  -4.666  1.00 34.86 ? 67  ALA A CA  1 
ATOM   533 C  C   . ALA A 1 69 ? 3.774   -0.197  -5.562  1.00 36.17 ? 67  ALA A C   1 
ATOM   534 O  O   . ALA A 1 69 ? 3.348   -0.579  -6.652  1.00 37.41 ? 67  ALA A O   1 
ATOM   535 C  CB  . ALA A 1 69 ? 3.740   -1.634  -3.512  1.00 34.97 ? 67  ALA A CB  1 
ATOM   536 N  N   . VAL A 1 70 ? 3.560   1.031   -5.099  1.00 35.93 ? 68  VAL A N   1 
ATOM   537 C  CA  . VAL A 1 70 ? 2.795   2.013   -5.860  1.00 37.81 ? 68  VAL A CA  1 
ATOM   538 C  C   . VAL A 1 70 ? 3.362   2.183   -7.271  1.00 39.58 ? 68  VAL A C   1 
ATOM   539 O  O   . VAL A 1 70 ? 2.629   2.115   -8.259  1.00 38.82 ? 68  VAL A O   1 
ATOM   540 C  CB  . VAL A 1 70 ? 2.792   3.385   -5.149  1.00 37.12 ? 68  VAL A CB  1 
ATOM   541 C  CG1 . VAL A 1 70 ? 1.969   4.386   -5.945  1.00 35.82 ? 68  VAL A CG1 1 
ATOM   542 C  CG2 . VAL A 1 70 ? 2.240   3.237   -3.745  1.00 35.95 ? 68  VAL A CG2 1 
ATOM   543 N  N   . ALA A 1 71 ? 4.671   2.393   -7.364  1.00 41.56 ? 69  ALA A N   1 
ATOM   544 C  CA  . ALA A 1 71 ? 5.313   2.562   -8.662  1.00 42.93 ? 69  ALA A CA  1 
ATOM   545 C  C   . ALA A 1 71 ? 5.188   1.293   -9.513  1.00 44.57 ? 69  ALA A C   1 
ATOM   546 O  O   . ALA A 1 71 ? 5.111   1.358   -10.736 1.00 46.54 ? 69  ALA A O   1 
ATOM   547 C  CB  . ALA A 1 71 ? 6.775   2.927   -8.478  1.00 39.26 ? 69  ALA A CB  1 
ATOM   548 N  N   . LYS A 1 72 ? 5.163   0.140   -8.860  1.00 46.11 ? 70  LYS A N   1 
ATOM   549 C  CA  . LYS A 1 72 ? 5.050   -1.132  -9.565  1.00 47.21 ? 70  LYS A CA  1 
ATOM   550 C  C   . LYS A 1 72 ? 3.668   -1.325  -10.191 1.00 48.03 ? 70  LYS A C   1 
ATOM   551 O  O   . LYS A 1 72 ? 3.545   -1.626  -11.381 1.00 46.99 ? 70  LYS A O   1 
ATOM   552 C  CB  . LYS A 1 72 ? 5.331   -2.278  -8.598  1.00 47.29 ? 70  LYS A CB  1 
ATOM   553 C  CG  . LYS A 1 72 ? 5.309   -3.653  -9.225  1.00 49.14 ? 70  LYS A CG  1 
ATOM   554 C  CD  . LYS A 1 72 ? 5.660   -4.700  -8.189  1.00 49.22 ? 70  LYS A CD  1 
ATOM   555 C  CE  . LYS A 1 72 ? 5.846   -6.062  -8.820  1.00 50.80 ? 70  LYS A CE  1 
ATOM   556 N  NZ  . LYS A 1 72 ? 6.625   -6.945  -7.914  1.00 48.24 ? 70  LYS A NZ  1 
ATOM   557 N  N   . VAL A 1 73 ? 2.638   -1.133  -9.374  1.00 48.58 ? 71  VAL A N   1 
ATOM   558 C  CA  . VAL A 1 73 ? 1.248   -1.292  -9.783  1.00 49.17 ? 71  VAL A CA  1 
ATOM   559 C  C   . VAL A 1 73 ? 0.745   -0.278  -10.811 1.00 51.06 ? 71  VAL A C   1 
ATOM   560 O  O   . VAL A 1 73 ? 0.021   -0.637  -11.736 1.00 50.49 ? 71  VAL A O   1 
ATOM   561 C  CB  . VAL A 1 73 ? 0.315   -1.226  -8.550  1.00 48.16 ? 71  VAL A CB  1 
ATOM   562 C  CG1 . VAL A 1 73 ? -1.139  -1.266  -8.984  1.00 47.09 ? 71  VAL A CG1 1 
ATOM   563 C  CG2 . VAL A 1 73 ? 0.624   -2.378  -7.607  1.00 45.53 ? 71  VAL A CG2 1 
HETATM 564 N  N   . MSE A 1 74 ? 1.125   0.982   -10.650 1.00 54.13 ? 72  MSE A N   1 
HETATM 565 C  CA  . MSE A 1 74 ? 0.661   2.020   -11.558 1.00 58.39 ? 72  MSE A CA  1 
HETATM 566 C  C   . MSE A 1 74 ? 1.597   2.397   -12.697 1.00 60.69 ? 72  MSE A C   1 
HETATM 567 O  O   . MSE A 1 74 ? 1.143   2.771   -13.778 1.00 61.81 ? 72  MSE A O   1 
HETATM 568 C  CB  . MSE A 1 74 ? 0.307   3.264   -10.754 1.00 60.96 ? 72  MSE A CB  1 
HETATM 569 C  CG  . MSE A 1 74 ? -0.892  3.058   -9.849  1.00 64.98 ? 72  MSE A CG  1 
HETATM 570 SE SE  . MSE A 1 74 ? -1.398  4.675   -8.975  1.00 69.80 ? 72  MSE A SE  1 
HETATM 571 C  CE  . MSE A 1 74 ? -2.579  5.405   -10.313 1.00 68.60 ? 72  MSE A CE  1 
ATOM   572 N  N   . GLN A 1 75 ? 2.901   2.302   -12.461 1.00 62.50 ? 73  GLN A N   1 
ATOM   573 C  CA  . GLN A 1 75 ? 3.876   2.645   -13.486 1.00 65.35 ? 73  GLN A CA  1 
ATOM   574 C  C   . GLN A 1 75 ? 4.310   1.415   -14.278 1.00 66.94 ? 73  GLN A C   1 
ATOM   575 O  O   . GLN A 1 75 ? 3.669   0.354   -14.123 1.00 68.45 ? 73  GLN A O   1 
ATOM   576 C  CB  . GLN A 1 75 ? 5.087   3.324   -12.852 1.00 65.74 ? 73  GLN A CB  1 
HETATM 577 O  O   . HOH B 2 .  ? 12.384  -1.847  3.158   1.00 37.86 ? 77  HOH A O   1 
HETATM 578 O  O   . HOH B 2 .  ? 11.007  2.281   5.075   1.00 35.27 ? 78  HOH A O   1 
HETATM 579 O  O   . HOH B 2 .  ? 6.312   -6.775  -4.852  1.00 42.69 ? 79  HOH A O   1 
HETATM 580 O  O   . HOH B 2 .  ? 8.516   1.896   7.654   1.00 33.68 ? 80  HOH A O   1 
HETATM 581 O  O   . HOH B 2 .  ? 6.272   7.942   2.387   1.00 31.27 ? 81  HOH A O   1 
HETATM 582 O  O   . HOH B 2 .  ? -9.320  13.305  -3.187  1.00 41.99 ? 82  HOH A O   1 
HETATM 583 O  O   . HOH B 2 .  ? -15.144 9.433   0.061   1.00 38.98 ? 83  HOH A O   1 
HETATM 584 O  O   . HOH B 2 .  ? -0.590  5.611   8.646   1.00 39.25 ? 84  HOH A O   1 
HETATM 585 O  O   . HOH B 2 .  ? -8.277  0.785   13.782  1.00 49.31 ? 85  HOH A O   1 
HETATM 586 O  O   . HOH B 2 .  ? -11.564 -1.695  -8.841  1.00 47.53 ? 86  HOH A O   1 
HETATM 587 O  O   . HOH B 2 .  ? -14.802 7.357   -3.800  1.00 42.39 ? 87  HOH A O   1 
HETATM 588 O  O   . HOH B 2 .  ? -0.891  -3.323  11.532  1.00 41.21 ? 88  HOH A O   1 
HETATM 589 O  O   . HOH B 2 .  ? 8.724   -0.529  -7.716  1.00 37.27 ? 89  HOH A O   1 
HETATM 590 O  O   . HOH B 2 .  ? 12.923  -2.097  0.633   1.00 44.88 ? 90  HOH A O   1 
HETATM 591 O  O   . HOH B 2 .  ? -13.921 6.933   2.538   1.00 39.82 ? 91  HOH A O   1 
HETATM 592 O  O   . HOH B 2 .  ? 13.080  -6.367  -3.815  1.00 43.46 ? 92  HOH A O   1 
HETATM 593 O  O   . HOH B 2 .  ? 0.452   12.277  6.568   1.00 38.57 ? 93  HOH A O   1 
HETATM 594 O  O   . HOH B 2 .  ? 6.136   5.336   -5.424  1.00 43.31 ? 94  HOH A O   1 
HETATM 595 O  O   . HOH B 2 .  ? -12.751 1.436   -8.318  1.00 42.74 ? 95  HOH A O   1 
HETATM 596 O  O   . HOH B 2 .  ? 13.874  -3.685  5.638   1.00 48.15 ? 96  HOH A O   1 
HETATM 597 O  O   . HOH B 2 .  ? -13.083 2.743   0.462   1.00 47.23 ? 97  HOH A O   1 
HETATM 598 O  O   . HOH B 2 .  ? -9.254  -5.090  8.231   1.00 45.87 ? 98  HOH A O   1 
HETATM 599 O  O   . HOH B 2 .  ? -8.608  7.054   -7.808  1.00 37.43 ? 99  HOH A O   1 
HETATM 600 O  O   . HOH B 2 .  ? 7.572   -12.329 -2.885  1.00 47.88 ? 100 HOH A O   1 
HETATM 601 O  O   . HOH B 2 .  ? 5.256   -1.709  14.511  1.00 46.58 ? 101 HOH A O   1 
HETATM 602 O  O   . HOH B 2 .  ? 7.130   14.078  6.720   1.00 47.14 ? 102 HOH A O   1 
HETATM 603 O  O   . HOH B 2 .  ? -10.888 -2.734  8.849   1.00 47.63 ? 103 HOH A O   1 
HETATM 604 O  O   . HOH B 2 .  ? -13.953 4.324   2.206   1.00 49.55 ? 104 HOH A O   1 
HETATM 605 O  O   . HOH B 2 .  ? -8.600  1.795   10.916  1.00 44.56 ? 105 HOH A O   1 
HETATM 606 O  O   . HOH B 2 .  ? -7.530  11.770  -4.964  1.00 52.57 ? 106 HOH A O   1 
# 
